data_3C3C
#
_entry.id   3C3C
#
_cell.length_a   35.789
_cell.length_b   55.824
_cell.length_c   94.497
_cell.angle_alpha   78.95
_cell.angle_beta   84.51
_cell.angle_gamma   83.23
#
_symmetry.space_group_name_H-M   'P 1'
#
loop_
_entity.id
_entity.type
_entity.pdbx_description
1 polymer 'Phosphoglycerate kinase 1'
2 non-polymer 'MAGNESIUM ION'
3 non-polymer '3-PHOSPHOGLYCERIC ACID'
4 non-polymer "CYTIDINE-5'-DIPHOSPHATE"
5 water water
#
_entity_poly.entity_id   1
_entity_poly.type   'polypeptide(L)'
_entity_poly.pdbx_seq_one_letter_code
;GSHMSLSNKLTLDKLDVKGKRVVMRVDFNVPMKNNQITNNQRIKAAVPSIKFCLDNGAKSVVLMSHLGRPDGVPMPDKYS
LEPVAVELKSLLGKDVLFLKDCVGPEVEKACANPAAGSVILLENLRFHVEEEGKGKDASGNKVKAEPAKIEAFRASLSKL
GDVYVNDAFGTAHRAHSSMVGVNLPQKAGGFLMKKELNYFAKALESPERPFLAILGGAKVADKIQLINNMLDKVNEMIIG
GGMAFTFLKVLNNMEIGTSLFDEEGAKIVKDLMSKAEKNGVKITLPVDFVTADKFDENAKTGQATVASGIPAGWMGLDCG
PESSKKYAEAVTRAKQIVWNGPVGVFEWEAFARGTKALMDEVVKATSRGCITIIGGGDTATCCAKWNTEDKVSHVSTGGG
ASLELLEGKVLPGVDALSNI
;
_entity_poly.pdbx_strand_id   A,B
#
loop_
_chem_comp.id
_chem_comp.type
_chem_comp.name
_chem_comp.formula
3PG non-polymer '3-PHOSPHOGLYCERIC ACID' 'C3 H7 O7 P'
CDP non-polymer CYTIDINE-5'-DIPHOSPHATE 'C9 H15 N3 O11 P2'
MG non-polymer 'MAGNESIUM ION' 'Mg 2'
#
# COMPACT_ATOMS: atom_id res chain seq x y z
N SER A 5 -1.14 -8.70 -3.08
CA SER A 5 -1.81 -7.47 -3.60
C SER A 5 -2.08 -6.43 -2.50
N LEU A 6 -1.11 -5.55 -2.28
CA LEU A 6 -1.15 -4.56 -1.19
C LEU A 6 -0.80 -3.12 -1.64
N SER A 7 -0.79 -2.92 -2.96
CA SER A 7 -0.61 -1.63 -3.63
C SER A 7 -1.68 -0.58 -3.27
N ASN A 8 -2.89 -1.07 -3.00
CA ASN A 8 -4.07 -0.23 -2.75
C ASN A 8 -4.59 -0.31 -1.29
N LYS A 9 -3.95 -1.12 -0.46
CA LYS A 9 -4.30 -1.18 0.97
C LYS A 9 -3.38 -0.30 1.78
N LEU A 10 -3.84 0.17 2.92
CA LEU A 10 -2.98 0.86 3.87
C LEU A 10 -2.13 -0.21 4.56
N THR A 11 -0.88 0.13 4.79
CA THR A 11 0.11 -0.74 5.39
C THR A 11 0.85 0.06 6.45
N LEU A 12 1.58 -0.65 7.32
CA LEU A 12 2.08 -0.08 8.55
C LEU A 12 3.13 1.01 8.29
N ASP A 13 3.95 0.84 7.25
CA ASP A 13 5.07 1.77 6.99
C ASP A 13 4.61 3.23 6.92
N LYS A 14 3.30 3.43 6.72
CA LYS A 14 2.69 4.72 6.50
C LYS A 14 1.82 5.21 7.67
N LEU A 15 1.25 4.26 8.42
CA LEU A 15 0.46 4.55 9.62
C LEU A 15 1.30 5.36 10.62
N ASP A 16 0.86 6.55 11.02
CA ASP A 16 1.51 7.27 12.12
C ASP A 16 0.88 6.89 13.46
N VAL A 17 1.70 6.35 14.36
CA VAL A 17 1.23 5.64 15.54
C VAL A 17 1.66 6.39 16.81
N LYS A 18 2.38 7.50 16.59
CA LYS A 18 2.87 8.35 17.67
C LYS A 18 1.75 8.78 18.64
N GLY A 19 1.95 8.41 19.91
CA GLY A 19 0.95 8.64 20.94
C GLY A 19 -0.35 7.89 20.75
N LYS A 20 -0.38 6.93 19.83
CA LYS A 20 -1.63 6.20 19.58
C LYS A 20 -1.64 4.83 20.21
N ARG A 21 -2.81 4.38 20.62
CA ARG A 21 -3.02 2.97 21.04
C ARG A 21 -3.20 2.07 19.84
N VAL A 22 -2.42 0.97 19.75
CA VAL A 22 -2.50 0.02 18.59
C VAL A 22 -3.04 -1.40 18.91
N VAL A 23 -4.21 -1.75 18.35
CA VAL A 23 -4.70 -3.15 18.45
C VAL A 23 -4.17 -3.93 17.29
N MET A 24 -3.53 -5.06 17.56
CA MET A 24 -2.93 -5.88 16.52
C MET A 24 -3.35 -7.35 16.56
N ARG A 25 -4.09 -7.78 15.53
CA ARG A 25 -4.30 -9.18 15.28
C ARG A 25 -3.00 -9.81 14.79
N VAL A 26 -2.57 -10.82 15.54
CA VAL A 26 -1.40 -11.63 15.16
C VAL A 26 -1.78 -13.10 15.21
N ASP A 27 -0.99 -13.94 14.53
CA ASP A 27 -1.13 -15.39 14.68
C ASP A 27 -0.14 -15.97 15.63
N PHE A 28 -0.56 -16.15 16.89
CA PHE A 28 0.24 -16.79 17.95
C PHE A 28 -0.27 -18.20 18.29
N ASN A 29 -1.03 -18.78 17.36
CA ASN A 29 -1.45 -20.16 17.45
C ASN A 29 -0.28 -21.12 17.20
N VAL A 30 0.52 -21.34 18.24
CA VAL A 30 1.78 -22.13 18.15
C VAL A 30 1.61 -23.61 18.57
N PRO A 31 2.40 -24.53 17.97
CA PRO A 31 2.33 -25.96 18.34
C PRO A 31 2.78 -26.14 19.79
N MET A 32 2.08 -26.99 20.55
CA MET A 32 2.37 -27.13 21.98
C MET A 32 2.33 -28.56 22.49
N LYS A 33 3.12 -28.83 23.55
CA LYS A 33 3.06 -30.09 24.31
C LYS A 33 3.18 -29.84 25.82
N ASN A 34 2.20 -30.38 26.56
CA ASN A 34 2.15 -30.34 28.03
C ASN A 34 2.29 -28.94 28.65
N ASN A 35 1.56 -27.96 28.09
CA ASN A 35 1.71 -26.54 28.43
C ASN A 35 3.12 -25.95 28.08
N GLN A 36 3.73 -26.47 27.00
CA GLN A 36 5.05 -25.96 26.53
C GLN A 36 5.12 -25.77 25.03
N ILE A 37 5.41 -24.53 24.63
CA ILE A 37 5.56 -24.17 23.23
C ILE A 37 6.62 -25.06 22.59
N THR A 38 6.26 -25.77 21.52
CA THR A 38 7.22 -26.60 20.80
C THR A 38 7.86 -25.89 19.62
N ASN A 39 7.29 -24.76 19.20
CA ASN A 39 7.81 -23.97 18.07
C ASN A 39 7.42 -22.50 18.21
N ASN A 40 8.40 -21.64 18.46
CA ASN A 40 8.11 -20.22 18.64
C ASN A 40 8.28 -19.36 17.40
N GLN A 41 8.22 -20.00 16.25
CA GLN A 41 8.37 -19.29 14.98
C GLN A 41 7.26 -18.23 14.73
N ARG A 42 6.02 -18.49 15.16
CA ARG A 42 4.88 -17.58 14.88
C ARG A 42 4.94 -16.32 15.75
N ILE A 43 5.50 -16.49 16.94
CA ILE A 43 5.82 -15.39 17.85
C ILE A 43 6.95 -14.46 17.34
N LYS A 44 8.05 -15.00 16.82
CA LYS A 44 9.19 -14.19 16.30
C LYS A 44 8.81 -13.36 15.11
N ALA A 45 8.04 -13.98 14.21
CA ALA A 45 7.53 -13.34 12.99
C ALA A 45 6.77 -12.01 13.23
N ALA A 46 6.07 -11.93 14.36
CA ALA A 46 5.32 -10.74 14.79
C ALA A 46 6.19 -9.66 15.38
N VAL A 47 7.45 -9.94 15.65
CA VAL A 47 8.27 -8.97 16.38
C VAL A 47 8.54 -7.63 15.66
N PRO A 48 8.97 -7.64 14.39
CA PRO A 48 9.26 -6.32 13.74
C PRO A 48 8.14 -5.28 13.69
N SER A 49 6.86 -5.69 13.55
CA SER A 49 5.73 -4.74 13.55
C SER A 49 5.59 -4.14 14.93
N ILE A 50 5.68 -5.00 15.95
CA ILE A 50 5.59 -4.62 17.35
C ILE A 50 6.67 -3.63 17.69
N LYS A 51 7.90 -3.95 17.31
CA LYS A 51 9.04 -3.10 17.62
C LYS A 51 8.87 -1.71 16.98
N PHE A 52 8.52 -1.71 15.70
CA PHE A 52 8.26 -0.49 14.91
C PHE A 52 7.27 0.44 15.59
N CYS A 53 6.17 -0.13 16.07
CA CYS A 53 5.11 0.58 16.80
C CYS A 53 5.66 1.17 18.08
N LEU A 54 6.33 0.33 18.86
CA LEU A 54 6.94 0.81 20.09
C LEU A 54 7.98 1.89 19.77
N ASP A 55 8.84 1.62 18.77
CA ASP A 55 9.92 2.54 18.38
C ASP A 55 9.39 3.87 17.86
N ASN A 56 8.26 3.83 17.19
CA ASN A 56 7.70 5.06 16.62
C ASN A 56 6.80 5.93 17.56
N GLY A 57 6.52 5.46 18.78
CA GLY A 57 5.92 6.28 19.83
C GLY A 57 4.54 5.82 20.25
N ALA A 58 4.26 4.53 20.04
CA ALA A 58 2.95 3.98 20.33
C ALA A 58 2.71 4.12 21.83
N LYS A 59 1.51 4.53 22.21
CA LYS A 59 1.12 4.53 23.62
C LYS A 59 1.14 3.11 24.15
N SER A 60 0.66 2.20 23.30
CA SER A 60 0.43 0.82 23.71
C SER A 60 0.27 -0.10 22.49
N VAL A 61 0.71 -1.34 22.66
CA VAL A 61 0.42 -2.37 21.69
C VAL A 61 -0.38 -3.50 22.36
N VAL A 62 -1.65 -3.62 21.95
CA VAL A 62 -2.52 -4.69 22.41
C VAL A 62 -2.63 -5.80 21.39
N LEU A 63 -2.22 -7.01 21.78
CA LEU A 63 -2.10 -8.14 20.86
C LEU A 63 -3.16 -9.20 21.11
N MET A 64 -3.77 -9.67 20.01
CA MET A 64 -4.85 -10.65 20.13
C MET A 64 -4.72 -11.75 19.11
N SER A 65 -5.11 -12.96 19.53
CA SER A 65 -4.97 -14.16 18.74
C SER A 65 -5.89 -15.28 19.28
N HIS A 66 -6.01 -16.36 18.50
CA HIS A 66 -6.53 -17.62 19.00
C HIS A 66 -5.39 -18.60 19.21
N LEU A 67 -5.73 -19.71 19.88
CA LEU A 67 -4.89 -20.89 20.06
C LEU A 67 -5.76 -22.20 20.07
N GLY A 68 -5.44 -23.13 19.15
CA GLY A 68 -6.21 -24.36 18.97
C GLY A 68 -7.66 -24.11 18.56
N ARG A 69 -8.49 -25.13 18.79
CA ARG A 69 -9.92 -25.04 18.50
C ARG A 69 -10.81 -25.37 19.71
N PRO A 70 -10.98 -24.39 20.61
CA PRO A 70 -11.83 -24.68 21.76
C PRO A 70 -13.33 -24.43 21.47
N ASP A 71 -13.68 -24.05 20.24
CA ASP A 71 -15.08 -23.97 19.80
C ASP A 71 -16.05 -23.15 20.69
N GLY A 72 -15.60 -21.96 21.10
CA GLY A 72 -16.45 -21.02 21.86
C GLY A 72 -16.80 -21.39 23.30
N VAL A 73 -16.03 -22.30 23.90
CA VAL A 73 -16.06 -22.59 25.33
C VAL A 73 -14.71 -22.17 25.92
N PRO A 74 -14.68 -21.53 27.10
CA PRO A 74 -13.36 -21.16 27.65
C PRO A 74 -12.60 -22.38 28.18
N MET A 75 -11.35 -22.57 27.72
CA MET A 75 -10.51 -23.71 28.19
C MET A 75 -9.09 -23.27 28.63
N PRO A 76 -8.99 -22.43 29.68
CA PRO A 76 -7.68 -21.88 30.03
C PRO A 76 -6.71 -22.96 30.56
N ASP A 77 -7.24 -24.15 30.84
CA ASP A 77 -6.43 -25.23 31.40
C ASP A 77 -5.74 -26.05 30.31
N LYS A 78 -6.27 -25.96 29.10
CA LYS A 78 -5.70 -26.64 27.94
C LYS A 78 -5.23 -25.68 26.80
N TYR A 79 -5.93 -24.57 26.61
CA TYR A 79 -5.68 -23.74 25.42
C TYR A 79 -5.39 -22.27 25.72
N SER A 80 -4.68 -22.01 26.81
CA SER A 80 -4.41 -20.64 27.20
C SER A 80 -3.19 -20.03 26.49
N LEU A 81 -3.29 -18.76 26.09
CA LEU A 81 -2.16 -17.98 25.52
C LEU A 81 -1.12 -17.45 26.53
N GLU A 82 -1.31 -17.76 27.82
CA GLU A 82 -0.30 -17.36 28.85
C GLU A 82 1.15 -17.75 28.54
N PRO A 83 1.40 -19.03 28.18
CA PRO A 83 2.76 -19.44 27.81
C PRO A 83 3.42 -18.54 26.74
N VAL A 84 2.63 -18.11 25.75
CA VAL A 84 3.10 -17.19 24.73
C VAL A 84 3.56 -15.84 25.30
N ALA A 85 2.80 -15.30 26.25
CA ALA A 85 3.18 -14.07 26.93
C ALA A 85 4.59 -14.10 27.53
N VAL A 86 4.95 -15.24 28.09
CA VAL A 86 6.24 -15.38 28.77
C VAL A 86 7.34 -15.42 27.70
N GLU A 87 7.00 -16.03 26.59
CA GLU A 87 7.89 -16.15 25.46
C GLU A 87 8.07 -14.81 24.75
N LEU A 88 6.99 -14.06 24.63
CA LEU A 88 7.02 -12.80 23.94
C LEU A 88 7.89 -11.79 24.69
N LYS A 89 7.83 -11.83 26.02
CA LYS A 89 8.58 -10.92 26.89
C LYS A 89 10.10 -11.05 26.72
N SER A 90 10.58 -12.29 26.66
CA SER A 90 12.00 -12.55 26.45
C SER A 90 12.44 -12.05 25.07
N LEU A 91 11.78 -12.54 24.03
CA LEU A 91 11.99 -12.04 22.66
C LEU A 91 11.95 -10.53 22.51
N LEU A 92 11.02 -9.86 23.19
CA LEU A 92 10.84 -8.42 23.01
C LEU A 92 11.78 -7.52 23.81
N GLY A 93 12.27 -8.04 24.94
CA GLY A 93 12.99 -7.27 25.94
C GLY A 93 12.06 -6.35 26.70
N LYS A 94 10.76 -6.64 26.69
CA LYS A 94 9.76 -5.81 27.37
C LYS A 94 8.78 -6.63 28.20
N ASP A 95 8.28 -6.02 29.28
CA ASP A 95 7.19 -6.57 30.10
C ASP A 95 5.93 -6.80 29.24
N VAL A 96 5.21 -7.88 29.53
CA VAL A 96 4.00 -8.16 28.80
C VAL A 96 2.88 -8.35 29.81
N LEU A 97 1.87 -7.50 29.73
CA LEU A 97 0.71 -7.66 30.56
C LEU A 97 -0.22 -8.67 29.91
N PHE A 98 -0.32 -9.86 30.50
CA PHE A 98 -1.28 -10.85 30.05
C PHE A 98 -2.65 -10.63 30.73
N LEU A 99 -3.71 -10.44 29.92
CA LEU A 99 -5.07 -10.37 30.46
C LEU A 99 -5.74 -11.70 30.22
N LYS A 100 -6.57 -12.17 31.18
CA LYS A 100 -7.16 -13.52 31.19
C LYS A 100 -8.50 -13.61 30.47
N ASP A 101 -8.93 -12.50 29.84
CA ASP A 101 -10.08 -12.49 28.90
C ASP A 101 -9.74 -11.57 27.69
N CYS A 102 -10.65 -11.41 26.72
CA CYS A 102 -10.37 -10.57 25.53
C CYS A 102 -11.33 -9.40 25.22
N VAL A 103 -12.48 -9.40 25.89
CA VAL A 103 -13.49 -8.34 25.73
C VAL A 103 -14.09 -8.13 27.10
N GLY A 104 -14.90 -7.10 27.25
CA GLY A 104 -15.54 -6.80 28.54
C GLY A 104 -14.99 -5.60 29.32
N PRO A 105 -15.63 -5.29 30.47
CA PRO A 105 -15.22 -4.17 31.35
C PRO A 105 -13.76 -4.15 31.75
N GLU A 106 -13.28 -5.23 32.38
CA GLU A 106 -11.90 -5.28 32.89
C GLU A 106 -10.89 -5.05 31.77
N VAL A 107 -11.13 -5.70 30.63
CA VAL A 107 -10.25 -5.62 29.47
C VAL A 107 -10.23 -4.20 28.88
N GLU A 108 -11.39 -3.57 28.78
CA GLU A 108 -11.50 -2.25 28.11
C GLU A 108 -10.79 -1.18 28.95
N LYS A 109 -10.99 -1.24 30.26
CA LYS A 109 -10.31 -0.37 31.22
C LYS A 109 -8.82 -0.58 31.23
N ALA A 110 -8.40 -1.85 31.27
CA ALA A 110 -6.96 -2.14 31.23
C ALA A 110 -6.32 -1.55 29.97
N CYS A 111 -7.07 -1.41 28.88
CA CYS A 111 -6.53 -0.98 27.59
C CYS A 111 -6.91 0.46 27.30
N ALA A 112 -7.64 1.09 28.21
CA ALA A 112 -8.21 2.40 27.94
C ALA A 112 -7.17 3.51 27.72
N ASN A 113 -6.02 3.38 28.36
CA ASN A 113 -4.98 4.41 28.41
C ASN A 113 -3.75 3.89 29.18
N PRO A 114 -3.08 2.85 28.67
CA PRO A 114 -1.97 2.28 29.45
C PRO A 114 -0.73 3.20 29.51
N ALA A 115 0.23 2.85 30.35
CA ALA A 115 1.47 3.60 30.48
C ALA A 115 2.14 3.57 29.14
N ALA A 116 2.83 4.66 28.78
CA ALA A 116 3.47 4.77 27.46
C ALA A 116 4.45 3.62 27.19
N GLY A 117 4.28 2.97 26.04
CA GLY A 117 5.06 1.80 25.67
C GLY A 117 4.59 0.41 26.14
N SER A 118 3.39 0.28 26.69
CA SER A 118 2.85 -1.03 27.18
C SER A 118 2.57 -2.04 26.06
N VAL A 119 2.96 -3.29 26.27
CA VAL A 119 2.64 -4.41 25.40
C VAL A 119 1.67 -5.29 26.20
N ILE A 120 0.54 -5.62 25.58
CA ILE A 120 -0.54 -6.30 26.27
C ILE A 120 -1.00 -7.44 25.39
N LEU A 121 -1.09 -8.64 25.95
CA LEU A 121 -1.60 -9.78 25.23
C LEU A 121 -2.89 -10.25 25.85
N LEU A 122 -3.93 -10.37 25.03
CA LEU A 122 -5.23 -10.84 25.53
C LEU A 122 -5.34 -12.36 25.43
N GLU A 123 -6.27 -12.93 26.20
CA GLU A 123 -6.53 -14.37 26.23
C GLU A 123 -7.18 -14.83 24.94
N ASN A 124 -6.97 -16.11 24.63
CA ASN A 124 -7.60 -16.84 23.49
C ASN A 124 -8.95 -16.28 23.05
N LEU A 125 -9.01 -15.75 21.83
CA LEU A 125 -10.28 -15.19 21.29
C LEU A 125 -11.40 -16.23 21.14
N ARG A 126 -11.03 -17.48 20.86
CA ARG A 126 -12.01 -18.51 20.53
C ARG A 126 -12.65 -19.14 21.78
N PHE A 127 -12.43 -18.48 22.91
CA PHE A 127 -13.11 -18.81 24.15
C PHE A 127 -14.49 -18.19 24.06
N HIS A 128 -14.67 -17.30 23.08
CA HIS A 128 -15.98 -16.67 22.82
C HIS A 128 -16.54 -17.13 21.48
N VAL A 129 -17.68 -17.84 21.53
CA VAL A 129 -18.36 -18.27 20.32
C VAL A 129 -18.46 -17.16 19.26
N GLU A 130 -18.44 -15.91 19.68
CA GLU A 130 -18.56 -14.78 18.75
C GLU A 130 -17.34 -14.51 17.83
N GLU A 131 -16.16 -15.02 18.17
CA GLU A 131 -15.00 -14.94 17.26
C GLU A 131 -15.23 -15.68 15.93
N GLU A 132 -15.58 -16.96 15.99
CA GLU A 132 -15.96 -17.69 14.76
C GLU A 132 -17.35 -17.30 14.25
N GLY A 133 -18.23 -16.88 15.15
CA GLY A 133 -19.64 -16.64 14.84
C GLY A 133 -20.45 -17.93 14.87
N LYS A 134 -19.81 -19.02 15.30
CA LYS A 134 -20.43 -20.36 15.42
C LYS A 134 -19.67 -21.17 16.49
N GLY A 135 -20.28 -22.24 17.01
CA GLY A 135 -19.55 -23.08 17.96
C GLY A 135 -20.21 -24.40 18.29
N LYS A 136 -19.54 -25.17 19.17
CA LYS A 136 -20.05 -26.45 19.67
C LYS A 136 -20.36 -26.39 21.18
N ASP A 137 -21.49 -26.96 21.59
CA ASP A 137 -21.82 -27.06 23.03
C ASP A 137 -21.08 -28.22 23.73
N ALA A 138 -21.47 -28.49 24.99
CA ALA A 138 -20.88 -29.55 25.81
C ALA A 138 -21.46 -30.94 25.49
N SER A 139 -22.44 -30.96 24.59
CA SER A 139 -23.01 -32.20 24.03
C SER A 139 -22.64 -32.32 22.55
N GLY A 140 -21.78 -31.42 22.06
CA GLY A 140 -21.27 -31.41 20.67
C GLY A 140 -22.27 -31.21 19.52
N ASN A 141 -23.06 -30.13 19.60
CA ASN A 141 -24.07 -29.81 18.57
C ASN A 141 -23.81 -28.43 17.93
N LYS A 142 -24.60 -28.07 16.91
CA LYS A 142 -24.41 -26.81 16.16
C LYS A 142 -24.95 -25.55 16.87
N VAL A 143 -24.18 -24.97 17.80
CA VAL A 143 -24.59 -23.70 18.46
C VAL A 143 -24.41 -22.47 17.56
N LYS A 144 -25.53 -21.79 17.34
CA LYS A 144 -25.61 -20.56 16.56
C LYS A 144 -25.18 -19.40 17.45
N ALA A 145 -24.38 -18.50 16.90
CA ALA A 145 -24.10 -17.23 17.56
C ALA A 145 -25.22 -16.22 17.29
N GLU A 146 -25.24 -15.18 18.10
CA GLU A 146 -26.25 -14.15 18.06
C GLU A 146 -25.70 -12.87 17.45
N PRO A 147 -26.39 -12.34 16.42
CA PRO A 147 -25.88 -11.12 15.78
C PRO A 147 -25.55 -10.02 16.78
N ALA A 148 -26.49 -9.72 17.68
CA ALA A 148 -26.32 -8.66 18.70
C ALA A 148 -25.09 -8.92 19.57
N LYS A 149 -24.80 -10.20 19.79
CA LYS A 149 -23.63 -10.62 20.56
C LYS A 149 -22.32 -10.53 19.78
N ILE A 150 -22.41 -10.71 18.46
CA ILE A 150 -21.26 -10.56 17.60
C ILE A 150 -20.88 -9.08 17.50
N GLU A 151 -21.90 -8.22 17.36
CA GLU A 151 -21.72 -6.76 17.27
C GLU A 151 -21.09 -6.22 18.53
N ALA A 152 -21.46 -6.81 19.68
CA ALA A 152 -20.90 -6.47 20.99
C ALA A 152 -19.46 -6.94 21.19
N PHE A 153 -19.15 -8.14 20.70
CA PHE A 153 -17.81 -8.70 20.76
C PHE A 153 -16.82 -7.82 19.99
N ARG A 154 -17.19 -7.50 18.75
CA ARG A 154 -16.45 -6.63 17.83
C ARG A 154 -16.32 -5.20 18.32
N ALA A 155 -17.40 -4.70 18.92
CA ALA A 155 -17.42 -3.31 19.38
C ALA A 155 -16.55 -3.17 20.61
N SER A 156 -16.53 -4.23 21.43
CA SER A 156 -15.58 -4.31 22.56
C SER A 156 -14.12 -4.35 22.09
N LEU A 157 -13.85 -5.03 20.98
CA LEU A 157 -12.48 -5.11 20.44
C LEU A 157 -12.05 -3.79 19.84
N SER A 158 -13.00 -3.05 19.27
CA SER A 158 -12.70 -1.76 18.64
C SER A 158 -12.30 -0.67 19.64
N LYS A 159 -12.63 -0.89 20.91
CA LYS A 159 -12.23 0.00 22.04
C LYS A 159 -10.73 -0.08 22.47
N LEU A 160 -10.14 -1.27 22.37
CA LEU A 160 -8.76 -1.50 22.85
C LEU A 160 -7.64 -0.81 22.06
N GLY A 161 -8.00 -0.14 20.96
CA GLY A 161 -7.08 0.73 20.24
C GLY A 161 -7.74 1.91 19.55
N ASP A 162 -6.88 2.85 19.12
CA ASP A 162 -7.25 3.98 18.25
C ASP A 162 -7.08 3.61 16.79
N VAL A 163 -6.12 2.71 16.52
CA VAL A 163 -5.82 2.23 15.16
C VAL A 163 -5.67 0.70 15.18
N TYR A 164 -6.03 0.01 14.10
CA TYR A 164 -5.95 -1.46 14.01
C TYR A 164 -4.82 -1.92 13.09
N VAL A 165 -4.19 -3.05 13.44
CA VAL A 165 -3.19 -3.67 12.56
C VAL A 165 -3.41 -5.16 12.48
N ASN A 166 -3.45 -5.69 11.26
CA ASN A 166 -3.45 -7.12 11.07
C ASN A 166 -2.09 -7.60 10.56
N ASP A 167 -1.31 -8.20 11.46
CA ASP A 167 -0.10 -8.90 11.06
C ASP A 167 -0.33 -10.45 11.06
N ALA A 168 -1.60 -10.88 11.01
CA ALA A 168 -1.99 -12.31 11.21
C ALA A 168 -2.09 -13.05 9.89
N PHE A 169 -0.94 -13.43 9.33
CA PHE A 169 -0.97 -14.02 8.01
C PHE A 169 -1.43 -15.47 8.14
N GLY A 170 -0.96 -16.17 9.15
CA GLY A 170 -1.36 -17.58 9.34
C GLY A 170 -2.84 -17.81 9.51
N THR A 171 -3.60 -16.73 9.74
CA THR A 171 -5.06 -16.79 9.94
C THR A 171 -5.86 -16.05 8.88
N ALA A 172 -5.17 -15.42 7.92
CA ALA A 172 -5.75 -14.57 6.86
C ALA A 172 -6.85 -15.21 6.01
N HIS A 173 -6.95 -16.53 6.06
CA HIS A 173 -8.04 -17.17 5.35
C HIS A 173 -9.35 -17.22 6.14
N ARG A 174 -9.35 -16.72 7.40
CA ARG A 174 -10.54 -16.83 8.28
C ARG A 174 -11.32 -15.51 8.39
N ALA A 175 -12.58 -15.52 7.94
CA ALA A 175 -13.45 -14.37 8.10
C ALA A 175 -14.04 -14.35 9.53
N HIS A 176 -13.19 -14.12 10.54
CA HIS A 176 -13.61 -14.14 11.96
C HIS A 176 -13.66 -12.73 12.50
N SER A 177 -14.31 -12.50 13.63
CA SER A 177 -14.62 -11.13 14.08
C SER A 177 -13.35 -10.31 14.33
N SER A 178 -12.31 -10.98 14.81
CA SER A 178 -11.06 -10.30 15.07
C SER A 178 -10.29 -9.97 13.75
N MET A 179 -10.71 -10.62 12.66
CA MET A 179 -10.02 -10.63 11.38
C MET A 179 -10.66 -9.68 10.37
N VAL A 180 -11.99 -9.53 10.43
CA VAL A 180 -12.72 -8.58 9.55
C VAL A 180 -13.73 -7.60 10.16
N GLY A 181 -14.04 -7.73 11.45
CA GLY A 181 -15.14 -7.00 12.08
C GLY A 181 -14.76 -5.86 13.03
N VAL A 182 -13.47 -5.67 13.21
CA VAL A 182 -12.93 -4.54 13.98
C VAL A 182 -13.23 -3.22 13.25
N ASN A 183 -13.86 -2.30 13.98
CA ASN A 183 -14.33 -1.03 13.45
C ASN A 183 -13.46 0.12 13.94
N LEU A 184 -12.58 0.60 13.07
CA LEU A 184 -11.67 1.70 13.33
C LEU A 184 -11.29 2.32 11.99
N PRO A 185 -11.18 3.68 11.93
CA PRO A 185 -10.82 4.42 10.70
C PRO A 185 -9.62 3.84 9.96
N GLN A 186 -8.56 3.45 10.68
CA GLN A 186 -7.35 2.94 10.04
C GLN A 186 -7.03 1.48 10.33
N LYS A 187 -7.17 0.64 9.29
CA LYS A 187 -6.82 -0.78 9.33
C LYS A 187 -5.68 -1.11 8.37
N ALA A 188 -4.51 -1.41 8.97
CA ALA A 188 -3.24 -1.60 8.25
C ALA A 188 -2.70 -3.04 8.25
N GLY A 189 -2.04 -3.39 7.14
CA GLY A 189 -1.35 -4.67 7.01
C GLY A 189 0.01 -4.46 7.62
N GLY A 190 0.39 -5.32 8.55
CA GLY A 190 1.70 -5.19 9.17
C GLY A 190 2.78 -5.67 8.22
N PHE A 191 4.02 -5.66 8.67
CA PHE A 191 5.20 -6.10 7.88
C PHE A 191 5.24 -7.59 7.49
N LEU A 192 4.72 -8.46 8.36
CA LEU A 192 4.60 -9.89 8.04
C LEU A 192 3.61 -10.10 6.89
N MET A 193 2.35 -9.72 7.12
CA MET A 193 1.38 -9.66 6.04
C MET A 193 2.03 -9.27 4.69
N LYS A 194 2.75 -8.13 4.66
CA LYS A 194 3.47 -7.70 3.47
C LYS A 194 4.56 -8.67 2.97
N LYS A 195 5.47 -9.08 3.86
CA LYS A 195 6.51 -10.05 3.50
C LYS A 195 5.95 -11.36 2.91
N GLU A 196 4.97 -11.96 3.59
CA GLU A 196 4.38 -13.22 3.14
C GLU A 196 3.84 -13.08 1.71
N LEU A 197 3.01 -12.06 1.50
CA LEU A 197 2.28 -11.90 0.23
C LEU A 197 3.21 -11.51 -0.90
N ASN A 198 4.29 -10.79 -0.57
CA ASN A 198 5.34 -10.51 -1.56
C ASN A 198 6.17 -11.74 -1.99
N TYR A 199 6.54 -12.62 -1.06
CA TYR A 199 7.22 -13.88 -1.43
C TYR A 199 6.31 -14.79 -2.27
N PHE A 200 5.11 -15.06 -1.80
CA PHE A 200 4.18 -15.90 -2.56
C PHE A 200 3.67 -15.26 -3.87
N ALA A 201 3.64 -13.93 -3.96
CA ALA A 201 3.22 -13.32 -5.22
C ALA A 201 4.37 -13.33 -6.23
N LYS A 202 5.59 -13.12 -5.77
CA LYS A 202 6.73 -13.21 -6.66
C LYS A 202 6.90 -14.69 -7.08
N ALA A 203 6.89 -15.62 -6.12
CA ALA A 203 6.98 -17.06 -6.44
C ALA A 203 5.97 -17.54 -7.50
N LEU A 204 4.76 -16.98 -7.47
CA LEU A 204 3.68 -17.46 -8.35
C LEU A 204 3.52 -16.70 -9.68
N GLU A 205 3.85 -15.41 -9.69
CA GLU A 205 3.66 -14.60 -10.88
C GLU A 205 4.95 -14.27 -11.67
N SER A 206 6.11 -14.46 -11.05
CA SER A 206 7.39 -14.37 -11.76
C SER A 206 8.37 -15.39 -11.23
N PRO A 207 8.02 -16.70 -11.35
CA PRO A 207 8.82 -17.74 -10.72
C PRO A 207 10.14 -17.87 -11.40
N GLU A 208 11.17 -18.06 -10.59
CA GLU A 208 12.44 -18.55 -11.08
C GLU A 208 12.31 -19.99 -11.56
N ARG A 209 12.88 -20.31 -12.72
CA ARG A 209 12.71 -21.63 -13.28
C ARG A 209 14.04 -22.34 -13.56
N PRO A 210 14.06 -23.68 -13.41
CA PRO A 210 12.91 -24.56 -13.12
C PRO A 210 12.28 -24.37 -11.73
N PHE A 211 10.96 -24.46 -11.69
CA PHE A 211 10.16 -24.24 -10.51
C PHE A 211 9.60 -25.60 -9.98
N LEU A 212 9.98 -25.96 -8.75
CA LEU A 212 9.63 -27.25 -8.14
C LEU A 212 8.64 -27.06 -6.99
N ALA A 213 7.58 -27.88 -6.96
CA ALA A 213 6.68 -27.95 -5.80
C ALA A 213 6.86 -29.28 -5.12
N ILE A 214 6.99 -29.25 -3.80
CA ILE A 214 7.03 -30.45 -3.03
C ILE A 214 5.76 -30.42 -2.19
N LEU A 215 4.96 -31.47 -2.30
CA LEU A 215 3.71 -31.59 -1.58
C LEU A 215 3.67 -32.95 -0.91
N GLY A 216 3.52 -32.91 0.42
CA GLY A 216 3.36 -34.07 1.26
C GLY A 216 2.17 -33.96 2.19
N GLY A 217 1.80 -35.07 2.80
CA GLY A 217 0.62 -35.07 3.65
C GLY A 217 -0.06 -36.42 3.59
N ALA A 218 -1.04 -36.60 4.45
CA ALA A 218 -1.67 -37.89 4.71
C ALA A 218 -2.75 -38.23 3.71
N LYS A 219 -3.56 -37.23 3.35
CA LYS A 219 -4.73 -37.50 2.57
C LYS A 219 -4.73 -36.77 1.25
N VAL A 220 -5.39 -37.37 0.27
CA VAL A 220 -5.42 -36.87 -1.10
C VAL A 220 -6.67 -36.02 -1.45
N ALA A 221 -7.85 -36.46 -1.01
CA ALA A 221 -9.13 -35.84 -1.40
C ALA A 221 -9.15 -34.33 -1.19
N ASP A 222 -8.47 -33.87 -0.14
CA ASP A 222 -8.44 -32.47 0.25
C ASP A 222 -7.37 -31.57 -0.47
N LYS A 223 -6.63 -32.15 -1.42
CA LYS A 223 -5.52 -31.44 -2.08
C LYS A 223 -5.73 -31.36 -3.57
N ILE A 224 -6.90 -31.81 -4.02
CA ILE A 224 -7.18 -31.87 -5.45
C ILE A 224 -6.94 -30.49 -6.01
N GLN A 225 -7.49 -29.49 -5.33
CA GLN A 225 -7.47 -28.11 -5.83
C GLN A 225 -6.05 -27.52 -5.85
N LEU A 226 -5.35 -27.65 -4.73
CA LEU A 226 -3.96 -27.31 -4.63
C LEU A 226 -3.19 -27.87 -5.82
N ILE A 227 -3.20 -29.20 -5.95
CA ILE A 227 -2.41 -29.87 -6.97
C ILE A 227 -2.74 -29.34 -8.38
N ASN A 228 -4.03 -29.27 -8.72
CA ASN A 228 -4.44 -28.73 -10.00
C ASN A 228 -3.87 -27.35 -10.30
N ASN A 229 -3.94 -26.47 -9.31
CA ASN A 229 -3.54 -25.09 -9.49
C ASN A 229 -2.02 -25.01 -9.63
N MET A 230 -1.30 -25.73 -8.76
CA MET A 230 0.14 -25.87 -8.86
C MET A 230 0.59 -26.44 -10.21
N LEU A 231 -0.11 -27.47 -10.68
CA LEU A 231 0.19 -28.06 -12.00
C LEU A 231 0.18 -27.12 -13.21
N ASP A 232 -0.48 -25.96 -13.11
CA ASP A 232 -0.41 -24.94 -14.16
C ASP A 232 0.78 -24.00 -14.00
N LYS A 233 1.54 -24.08 -12.91
CA LYS A 233 2.62 -23.11 -12.70
C LYS A 233 4.03 -23.72 -12.72
N VAL A 234 4.14 -24.92 -12.18
CA VAL A 234 5.45 -25.51 -11.88
C VAL A 234 6.02 -26.27 -13.09
N ASN A 235 7.34 -26.34 -13.19
CA ASN A 235 8.02 -27.30 -14.10
C ASN A 235 8.19 -28.74 -13.52
N GLU A 236 8.38 -28.86 -12.20
CA GLU A 236 8.46 -30.18 -11.57
C GLU A 236 7.60 -30.25 -10.31
N MET A 237 7.29 -31.48 -9.87
CA MET A 237 6.45 -31.68 -8.69
C MET A 237 6.70 -33.01 -7.98
N ILE A 238 7.06 -32.96 -6.70
CA ILE A 238 7.25 -34.17 -5.92
C ILE A 238 5.93 -34.40 -5.18
N ILE A 239 5.46 -35.66 -5.17
CA ILE A 239 4.26 -36.04 -4.38
C ILE A 239 4.69 -37.07 -3.31
N GLY A 240 4.63 -36.68 -2.04
CA GLY A 240 5.21 -37.49 -0.96
C GLY A 240 4.32 -37.66 0.25
N GLY A 241 4.82 -38.37 1.27
CA GLY A 241 4.01 -38.64 2.46
C GLY A 241 3.05 -39.83 2.28
N GLY A 242 2.00 -39.91 3.10
CA GLY A 242 1.03 -41.03 3.05
C GLY A 242 0.06 -40.86 1.90
N MET A 243 0.06 -39.66 1.34
CA MET A 243 -0.76 -39.41 0.17
C MET A 243 -0.26 -40.13 -1.08
N ALA A 244 1.02 -40.52 -1.11
CA ALA A 244 1.57 -41.22 -2.28
C ALA A 244 1.14 -42.71 -2.47
N PHE A 245 0.80 -43.39 -1.39
CA PHE A 245 0.28 -44.77 -1.49
C PHE A 245 -0.99 -44.91 -2.33
N THR A 246 -1.89 -43.95 -2.20
CA THR A 246 -3.06 -43.82 -3.08
C THR A 246 -2.61 -43.79 -4.55
N PHE A 247 -1.64 -42.93 -4.87
CA PHE A 247 -1.05 -42.84 -6.20
C PHE A 247 -0.41 -44.13 -6.70
N LEU A 248 0.42 -44.75 -5.87
CA LEU A 248 1.15 -45.94 -6.28
C LEU A 248 0.22 -47.17 -6.42
N LYS A 249 -0.79 -47.28 -5.56
CA LYS A 249 -1.76 -48.37 -5.69
C LYS A 249 -2.50 -48.29 -7.03
N VAL A 250 -2.79 -47.06 -7.48
CA VAL A 250 -3.56 -46.84 -8.73
C VAL A 250 -2.66 -46.88 -9.96
N LEU A 251 -1.46 -46.32 -9.87
CA LEU A 251 -0.58 -46.18 -11.05
C LEU A 251 0.40 -47.34 -11.24
N ASN A 252 0.48 -48.21 -10.23
CA ASN A 252 1.50 -49.26 -10.19
C ASN A 252 1.04 -50.57 -9.55
N ASN A 253 -0.20 -50.59 -9.07
CA ASN A 253 -0.79 -51.67 -8.24
C ASN A 253 0.13 -52.25 -7.17
N MET A 254 0.78 -51.34 -6.44
CA MET A 254 1.68 -51.69 -5.34
C MET A 254 0.83 -52.29 -4.26
N GLU A 255 1.35 -53.33 -3.62
CA GLU A 255 0.74 -53.77 -2.38
C GLU A 255 1.17 -52.84 -1.21
N ILE A 256 0.22 -52.09 -0.68
CA ILE A 256 0.50 -51.11 0.37
C ILE A 256 0.23 -51.58 1.82
N GLY A 257 -0.19 -52.85 1.99
CA GLY A 257 -0.52 -53.41 3.30
C GLY A 257 -1.56 -52.53 3.97
N THR A 258 -1.24 -52.03 5.15
CA THR A 258 -2.13 -51.16 5.91
C THR A 258 -1.82 -49.63 5.75
N SER A 259 -0.92 -49.26 4.81
CA SER A 259 -0.62 -47.85 4.55
C SER A 259 -1.94 -47.16 4.25
N LEU A 260 -1.99 -45.84 4.47
CA LEU A 260 -3.17 -44.99 4.19
C LEU A 260 -3.60 -45.01 2.74
N PHE A 261 -4.89 -45.27 2.52
CA PHE A 261 -5.49 -45.27 1.18
C PHE A 261 -6.74 -44.39 1.05
N ASP A 262 -6.57 -43.22 0.43
CA ASP A 262 -7.65 -42.26 0.12
C ASP A 262 -8.60 -42.80 -0.97
N GLU A 263 -9.75 -43.34 -0.58
CA GLU A 263 -10.59 -44.10 -1.52
C GLU A 263 -11.23 -43.21 -2.55
N GLU A 264 -11.52 -41.98 -2.14
CA GLU A 264 -12.07 -40.96 -3.05
C GLU A 264 -11.05 -40.29 -3.98
N GLY A 265 -9.97 -39.73 -3.41
CA GLY A 265 -8.93 -39.11 -4.23
C GLY A 265 -8.35 -40.09 -5.25
N ALA A 266 -8.58 -41.39 -5.00
CA ALA A 266 -8.11 -42.44 -5.87
C ALA A 266 -8.77 -42.35 -7.24
N LYS A 267 -10.03 -41.94 -7.26
CA LYS A 267 -10.78 -41.91 -8.52
C LYS A 267 -10.41 -40.79 -9.51
N ILE A 268 -9.63 -39.79 -9.05
CA ILE A 268 -9.18 -38.64 -9.87
C ILE A 268 -7.66 -38.59 -10.12
N VAL A 269 -6.93 -39.55 -9.55
CA VAL A 269 -5.47 -39.67 -9.68
C VAL A 269 -5.08 -39.57 -11.15
N LYS A 270 -5.79 -40.37 -11.95
CA LYS A 270 -5.73 -40.36 -13.40
C LYS A 270 -5.75 -38.95 -14.02
N ASP A 271 -6.60 -38.08 -13.48
CA ASP A 271 -6.85 -36.80 -14.12
C ASP A 271 -5.70 -35.84 -13.77
N LEU A 272 -5.25 -35.90 -12.52
CA LEU A 272 -4.07 -35.19 -12.09
C LEU A 272 -2.87 -35.58 -12.97
N MET A 273 -2.68 -36.88 -13.17
CA MET A 273 -1.51 -37.34 -13.93
C MET A 273 -1.59 -36.85 -15.37
N SER A 274 -2.81 -36.90 -15.91
CA SER A 274 -3.13 -36.41 -17.25
C SER A 274 -2.87 -34.90 -17.44
N LYS A 275 -3.21 -34.09 -16.46
CA LYS A 275 -2.99 -32.65 -16.59
C LYS A 275 -1.52 -32.33 -16.44
N ALA A 276 -0.83 -33.02 -15.53
CA ALA A 276 0.65 -32.92 -15.44
C ALA A 276 1.30 -33.23 -16.79
N GLU A 277 0.93 -34.39 -17.32
CA GLU A 277 1.43 -34.85 -18.59
C GLU A 277 1.27 -33.85 -19.74
N LYS A 278 0.08 -33.24 -19.83
CA LYS A 278 -0.16 -32.31 -20.92
C LYS A 278 0.57 -30.99 -20.68
N ASN A 279 0.86 -30.69 -19.40
CA ASN A 279 1.56 -29.48 -19.00
C ASN A 279 3.10 -29.61 -18.91
N GLY A 280 3.59 -30.83 -19.05
CA GLY A 280 5.02 -31.08 -19.12
C GLY A 280 5.70 -31.10 -17.77
N VAL A 281 4.90 -31.18 -16.70
CA VAL A 281 5.42 -31.37 -15.33
C VAL A 281 5.92 -32.81 -15.12
N LYS A 282 7.12 -32.93 -14.58
CA LYS A 282 7.71 -34.19 -14.17
C LYS A 282 7.25 -34.59 -12.74
N ILE A 283 6.48 -35.69 -12.61
CA ILE A 283 5.97 -36.14 -11.30
C ILE A 283 6.93 -37.14 -10.67
N THR A 284 7.44 -36.83 -9.48
CA THR A 284 8.39 -37.70 -8.78
C THR A 284 7.70 -38.26 -7.55
N LEU A 285 7.46 -39.58 -7.58
CA LEU A 285 6.84 -40.33 -6.48
C LEU A 285 7.92 -41.14 -5.78
N PRO A 286 7.67 -41.54 -4.51
CA PRO A 286 8.59 -42.46 -3.80
C PRO A 286 8.57 -43.87 -4.39
N VAL A 287 9.72 -44.54 -4.28
CA VAL A 287 10.00 -45.87 -4.80
C VAL A 287 10.40 -46.89 -3.71
N ASP A 288 10.69 -46.42 -2.49
CA ASP A 288 11.02 -47.28 -1.34
C ASP A 288 10.61 -46.67 0.02
N PHE A 289 10.71 -47.43 1.10
CA PHE A 289 9.95 -47.09 2.31
C PHE A 289 10.56 -47.61 3.60
N VAL A 290 10.27 -46.92 4.69
CA VAL A 290 10.44 -47.45 6.03
C VAL A 290 9.04 -47.86 6.50
N THR A 291 8.85 -49.16 6.73
CA THR A 291 7.53 -49.70 7.14
C THR A 291 7.45 -49.87 8.65
N ALA A 292 6.23 -49.96 9.18
CA ALA A 292 6.00 -50.16 10.62
C ALA A 292 4.91 -51.22 10.90
N ASP A 293 5.00 -51.91 12.04
CA ASP A 293 3.96 -52.91 12.40
C ASP A 293 2.68 -52.34 13.04
N LYS A 294 2.67 -51.03 13.33
CA LYS A 294 1.47 -50.30 13.78
C LYS A 294 1.72 -48.78 13.72
N PHE A 295 0.66 -47.97 13.79
CA PHE A 295 0.81 -46.52 13.90
C PHE A 295 1.35 -46.08 15.26
N ASP A 296 2.64 -46.33 15.50
CA ASP A 296 3.27 -45.99 16.77
C ASP A 296 4.68 -45.48 16.56
N GLU A 297 5.13 -44.59 17.43
CA GLU A 297 6.51 -44.12 17.40
C GLU A 297 7.49 -45.26 17.69
N ASN A 298 7.05 -46.21 18.52
CA ASN A 298 7.87 -47.36 18.95
C ASN A 298 7.47 -48.67 18.28
N ALA A 299 6.85 -48.56 17.11
CA ALA A 299 6.60 -49.73 16.28
C ALA A 299 7.93 -50.36 15.86
N LYS A 300 7.88 -51.64 15.47
CA LYS A 300 8.99 -52.33 14.79
C LYS A 300 9.05 -51.87 13.34
N THR A 301 10.24 -51.49 12.89
CA THR A 301 10.41 -50.99 11.54
C THR A 301 10.97 -52.04 10.60
N GLY A 302 10.52 -51.95 9.35
CA GLY A 302 11.03 -52.74 8.25
C GLY A 302 11.48 -51.91 7.06
N GLN A 303 11.30 -52.47 5.88
CA GLN A 303 11.74 -51.84 4.63
C GLN A 303 11.05 -52.48 3.45
N ALA A 304 10.85 -51.70 2.40
CA ALA A 304 10.16 -52.16 1.21
C ALA A 304 10.39 -51.25 0.02
N THR A 305 10.03 -51.76 -1.15
CA THR A 305 10.14 -51.07 -2.42
C THR A 305 8.85 -51.26 -3.15
N VAL A 306 8.71 -50.57 -4.28
CA VAL A 306 7.53 -50.75 -5.10
C VAL A 306 7.54 -52.17 -5.67
N ALA A 307 8.73 -52.63 -6.10
CA ALA A 307 8.87 -53.99 -6.58
C ALA A 307 8.40 -55.03 -5.54
N SER A 308 8.88 -54.87 -4.30
CA SER A 308 8.69 -55.87 -3.26
C SER A 308 7.31 -55.88 -2.60
N GLY A 309 6.60 -54.75 -2.60
CA GLY A 309 5.35 -54.60 -1.84
C GLY A 309 5.61 -54.43 -0.34
N ILE A 310 4.65 -53.89 0.39
CA ILE A 310 4.78 -53.82 1.84
C ILE A 310 4.02 -55.02 2.40
N PRO A 311 4.69 -55.87 3.22
CA PRO A 311 4.00 -57.08 3.70
C PRO A 311 2.69 -56.75 4.42
N ALA A 312 1.75 -57.70 4.50
CA ALA A 312 0.42 -57.47 5.12
C ALA A 312 0.44 -57.33 6.66
N GLY A 313 -0.28 -56.34 7.18
CA GLY A 313 -0.24 -56.02 8.61
C GLY A 313 0.80 -54.95 8.96
N TRP A 314 1.56 -54.53 7.94
CA TRP A 314 2.57 -53.48 8.09
C TRP A 314 2.17 -52.30 7.22
N MET A 315 2.58 -51.08 7.63
CA MET A 315 2.24 -49.81 6.92
C MET A 315 3.49 -48.91 6.64
N GLY A 316 3.43 -48.06 5.62
CA GLY A 316 4.57 -47.22 5.25
C GLY A 316 4.49 -45.85 5.89
N LEU A 317 5.53 -45.49 6.64
CA LEU A 317 5.58 -44.20 7.38
C LEU A 317 6.78 -43.27 7.06
N ASP A 318 7.58 -43.60 6.06
CA ASP A 318 8.65 -42.69 5.63
C ASP A 318 9.14 -43.25 4.31
N CYS A 319 9.61 -42.38 3.42
CA CYS A 319 10.23 -42.86 2.20
C CYS A 319 11.59 -43.43 2.57
N GLY A 320 12.27 -44.07 1.63
CA GLY A 320 13.57 -44.63 1.92
C GLY A 320 14.69 -43.93 1.19
N PRO A 321 15.92 -44.50 1.25
CA PRO A 321 17.16 -43.94 0.66
C PRO A 321 17.10 -43.69 -0.82
N GLU A 322 16.54 -44.61 -1.57
CA GLU A 322 16.49 -44.42 -3.02
C GLU A 322 15.45 -43.34 -3.43
N SER A 323 14.37 -43.21 -2.64
CA SER A 323 13.41 -42.13 -2.77
C SER A 323 14.01 -40.80 -2.38
N SER A 324 14.74 -40.78 -1.26
CA SER A 324 15.59 -39.63 -0.93
C SER A 324 16.45 -39.14 -2.12
N LYS A 325 17.07 -40.06 -2.84
CA LYS A 325 18.00 -39.72 -3.92
C LYS A 325 17.27 -39.12 -5.12
N LYS A 326 16.10 -39.68 -5.41
CA LYS A 326 15.17 -39.16 -6.40
C LYS A 326 14.69 -37.74 -6.14
N TYR A 327 14.23 -37.48 -4.92
CA TYR A 327 13.86 -36.13 -4.50
C TYR A 327 15.00 -35.13 -4.73
N ALA A 328 16.22 -35.55 -4.39
CA ALA A 328 17.41 -34.72 -4.40
C ALA A 328 17.75 -34.24 -5.79
N GLU A 329 17.48 -35.09 -6.77
CA GLU A 329 17.74 -34.79 -8.18
C GLU A 329 16.82 -33.71 -8.72
N ALA A 330 15.62 -33.64 -8.17
CA ALA A 330 14.70 -32.59 -8.58
C ALA A 330 15.11 -31.31 -7.88
N VAL A 331 15.50 -31.43 -6.60
CA VAL A 331 16.01 -30.30 -5.85
C VAL A 331 17.20 -29.66 -6.60
N THR A 332 18.15 -30.48 -7.08
CA THR A 332 19.31 -30.05 -7.87
C THR A 332 18.98 -29.23 -9.12
N ARG A 333 17.91 -29.61 -9.84
CA ARG A 333 17.54 -28.89 -11.07
C ARG A 333 16.76 -27.59 -10.83
N ALA A 334 16.20 -27.45 -9.63
CA ALA A 334 15.35 -26.30 -9.30
C ALA A 334 16.11 -24.98 -9.11
N LYS A 335 15.49 -23.89 -9.61
CA LYS A 335 15.85 -22.51 -9.26
C LYS A 335 14.85 -21.88 -8.28
N GLN A 336 13.69 -22.52 -8.11
CA GLN A 336 12.71 -22.14 -7.11
C GLN A 336 11.91 -23.34 -6.59
N ILE A 337 11.64 -23.33 -5.28
CA ILE A 337 10.99 -24.44 -4.62
C ILE A 337 9.89 -23.93 -3.66
N VAL A 338 8.69 -24.51 -3.75
CA VAL A 338 7.66 -24.26 -2.75
C VAL A 338 7.32 -25.59 -2.12
N TRP A 339 7.56 -25.71 -0.82
CA TRP A 339 7.41 -26.98 -0.12
C TRP A 339 6.28 -26.92 0.88
N ASN A 340 5.29 -27.81 0.73
CA ASN A 340 4.20 -27.93 1.70
C ASN A 340 3.90 -29.36 2.13
N GLY A 341 4.08 -29.61 3.44
CA GLY A 341 3.82 -30.91 4.02
C GLY A 341 5.02 -31.84 4.06
N PRO A 342 5.02 -32.77 5.02
CA PRO A 342 6.12 -33.69 5.21
C PRO A 342 6.06 -34.84 4.21
N VAL A 343 7.17 -35.56 4.10
CA VAL A 343 7.29 -36.68 3.21
C VAL A 343 7.18 -37.97 4.03
N GLY A 344 7.02 -37.79 5.34
CA GLY A 344 6.93 -38.90 6.26
C GLY A 344 6.57 -38.41 7.63
N VAL A 345 6.59 -39.33 8.59
CA VAL A 345 6.19 -39.02 9.96
C VAL A 345 7.34 -38.43 10.77
N PHE A 346 7.85 -37.28 10.31
CA PHE A 346 8.97 -36.55 10.95
C PHE A 346 8.83 -36.29 12.48
N GLU A 347 7.58 -36.24 12.96
CA GLU A 347 7.28 -36.30 14.41
C GLU A 347 8.06 -37.38 15.18
N TRP A 348 8.42 -38.47 14.50
CA TRP A 348 8.99 -39.66 15.13
C TRP A 348 10.36 -39.96 14.50
N GLU A 349 11.40 -40.03 15.32
CA GLU A 349 12.78 -40.13 14.80
C GLU A 349 13.00 -41.29 13.82
N ALA A 350 12.34 -42.42 14.09
CA ALA A 350 12.44 -43.59 13.25
C ALA A 350 11.96 -43.26 11.84
N PHE A 351 10.99 -42.36 11.73
CA PHE A 351 10.37 -42.00 10.45
C PHE A 351 10.64 -40.56 9.99
N ALA A 352 11.69 -39.97 10.54
CA ALA A 352 12.05 -38.58 10.27
C ALA A 352 13.14 -38.43 9.22
N ARG A 353 13.76 -39.55 8.80
CA ARG A 353 14.97 -39.49 7.96
C ARG A 353 14.78 -38.85 6.60
N GLY A 354 13.63 -39.11 5.97
CA GLY A 354 13.30 -38.60 4.63
C GLY A 354 13.15 -37.07 4.55
N THR A 355 12.51 -36.51 5.58
CA THR A 355 12.27 -35.08 5.70
C THR A 355 13.58 -34.33 6.04
N LYS A 356 14.36 -34.90 6.95
CA LYS A 356 15.69 -34.39 7.30
C LYS A 356 16.62 -34.43 6.09
N ALA A 357 16.68 -35.59 5.43
CA ALA A 357 17.54 -35.70 4.25
C ALA A 357 17.15 -34.63 3.23
N LEU A 358 15.86 -34.33 3.19
CA LEU A 358 15.32 -33.48 2.15
C LEU A 358 15.53 -32.01 2.49
N MET A 359 15.32 -31.68 3.76
CA MET A 359 15.61 -30.33 4.24
C MET A 359 17.06 -29.91 3.93
N ASP A 360 17.97 -30.87 4.06
CA ASP A 360 19.37 -30.65 3.81
C ASP A 360 19.64 -30.25 2.35
N GLU A 361 19.00 -30.95 1.42
CA GLU A 361 19.13 -30.64 0.00
C GLU A 361 18.58 -29.27 -0.35
N VAL A 362 17.46 -28.92 0.30
CA VAL A 362 16.82 -27.65 0.07
C VAL A 362 17.68 -26.53 0.64
N VAL A 363 18.36 -26.81 1.76
CA VAL A 363 19.25 -25.83 2.39
C VAL A 363 20.46 -25.60 1.51
N LYS A 364 21.05 -26.71 1.07
CA LYS A 364 22.18 -26.67 0.17
C LYS A 364 21.85 -25.98 -1.15
N ALA A 365 20.60 -26.14 -1.61
CA ALA A 365 20.14 -25.46 -2.82
C ALA A 365 20.09 -23.98 -2.58
N THR A 366 19.69 -23.57 -1.38
CA THR A 366 19.65 -22.12 -1.07
C THR A 366 21.01 -21.42 -1.21
N SER A 367 22.08 -22.16 -0.91
CA SER A 367 23.46 -21.69 -0.94
C SER A 367 23.97 -21.38 -2.34
N ARG A 368 23.43 -22.10 -3.33
CA ARG A 368 23.75 -21.89 -4.73
C ARG A 368 22.94 -20.77 -5.37
N GLY A 369 21.94 -20.25 -4.68
CA GLY A 369 21.07 -19.21 -5.24
C GLY A 369 19.62 -19.59 -5.55
N CYS A 370 19.22 -20.83 -5.24
CA CYS A 370 17.83 -21.26 -5.38
C CYS A 370 16.95 -20.46 -4.42
N ILE A 371 15.77 -20.03 -4.89
CA ILE A 371 14.76 -19.46 -4.02
C ILE A 371 13.93 -20.59 -3.39
N THR A 372 14.10 -20.79 -2.10
CA THR A 372 13.41 -21.85 -1.33
C THR A 372 12.40 -21.29 -0.32
N ILE A 373 11.17 -21.79 -0.40
CA ILE A 373 10.06 -21.36 0.45
C ILE A 373 9.43 -22.58 1.12
N ILE A 374 9.49 -22.63 2.45
CA ILE A 374 8.91 -23.75 3.21
C ILE A 374 7.72 -23.29 4.08
N GLY A 375 6.75 -24.20 4.29
CA GLY A 375 5.57 -23.93 5.12
C GLY A 375 5.85 -23.87 6.61
N GLY A 376 4.91 -23.27 7.35
CA GLY A 376 4.99 -23.09 8.83
C GLY A 376 5.06 -24.41 9.57
N ASP A 390 16.58 -18.76 8.51
CA ASP A 390 17.47 -18.10 7.56
C ASP A 390 18.48 -19.05 6.91
N LYS A 391 18.19 -20.34 6.97
CA LYS A 391 18.90 -21.32 6.14
C LYS A 391 18.19 -21.49 4.79
N VAL A 392 16.98 -20.94 4.69
CA VAL A 392 16.21 -20.92 3.44
C VAL A 392 15.86 -19.48 3.12
N SER A 393 15.22 -19.24 1.98
CA SER A 393 14.82 -17.89 1.64
C SER A 393 13.67 -17.42 2.56
N HIS A 394 12.65 -18.26 2.73
CA HIS A 394 11.46 -17.84 3.45
C HIS A 394 10.77 -19.00 4.15
N VAL A 395 10.69 -18.94 5.48
CA VAL A 395 9.94 -19.93 6.25
C VAL A 395 8.55 -19.37 6.54
N SER A 396 7.51 -19.86 5.87
CA SER A 396 6.20 -19.25 6.02
C SER A 396 5.51 -19.59 7.36
N THR A 397 4.65 -18.68 7.84
CA THR A 397 3.86 -18.87 9.08
C THR A 397 2.49 -19.41 8.66
N GLY A 398 2.34 -19.49 7.33
CA GLY A 398 1.12 -19.81 6.63
C GLY A 398 0.59 -21.20 6.83
N GLY A 399 1.11 -22.17 6.10
CA GLY A 399 0.65 -23.56 6.24
C GLY A 399 -0.73 -23.81 5.67
N GLY A 400 -1.76 -23.41 6.40
CA GLY A 400 -3.14 -23.54 5.91
C GLY A 400 -3.60 -22.35 5.07
N ALA A 401 -3.23 -21.11 5.48
CA ALA A 401 -3.47 -19.90 4.69
C ALA A 401 -2.65 -19.83 3.39
N SER A 402 -1.42 -20.33 3.42
CA SER A 402 -0.62 -20.52 2.19
C SER A 402 -1.31 -21.40 1.14
N LEU A 403 -1.89 -22.50 1.62
CA LEU A 403 -2.62 -23.44 0.78
C LEU A 403 -3.79 -22.77 0.08
N GLU A 404 -4.50 -21.90 0.81
CA GLU A 404 -5.60 -21.16 0.18
C GLU A 404 -5.08 -20.07 -0.75
N LEU A 405 -3.92 -19.51 -0.44
CA LEU A 405 -3.27 -18.53 -1.32
C LEU A 405 -2.96 -19.17 -2.65
N LEU A 406 -2.55 -20.43 -2.58
CA LEU A 406 -2.09 -21.21 -3.72
C LEU A 406 -3.27 -21.84 -4.49
N GLU A 407 -4.33 -22.24 -3.79
CA GLU A 407 -5.59 -22.62 -4.44
C GLU A 407 -6.26 -21.40 -5.13
N GLY A 408 -5.57 -20.25 -5.17
CA GLY A 408 -6.07 -19.04 -5.86
C GLY A 408 -7.17 -18.23 -5.15
N LYS A 409 -7.61 -18.68 -3.98
CA LYS A 409 -8.78 -18.09 -3.30
C LYS A 409 -8.46 -16.77 -2.55
N VAL A 410 -9.48 -15.93 -2.32
CA VAL A 410 -9.31 -14.61 -1.66
C VAL A 410 -9.22 -14.71 -0.14
N LEU A 411 -8.38 -13.85 0.46
CA LEU A 411 -8.12 -13.86 1.90
C LEU A 411 -8.94 -12.81 2.65
N PRO A 412 -9.95 -13.26 3.44
CA PRO A 412 -10.79 -12.33 4.18
C PRO A 412 -9.99 -11.33 5.05
N GLY A 413 -8.89 -11.80 5.64
CA GLY A 413 -7.99 -10.93 6.40
C GLY A 413 -7.31 -9.78 5.63
N VAL A 414 -6.98 -9.98 4.35
CA VAL A 414 -6.36 -8.93 3.51
C VAL A 414 -7.42 -7.99 2.91
N ASP A 415 -8.54 -8.56 2.47
CA ASP A 415 -9.63 -7.79 1.90
C ASP A 415 -10.22 -6.70 2.85
N ALA A 416 -10.27 -6.96 4.15
CA ALA A 416 -10.90 -6.04 5.09
C ALA A 416 -10.01 -4.85 5.52
N LEU A 417 -8.75 -4.82 5.08
CA LEU A 417 -7.89 -3.67 5.40
C LEU A 417 -8.32 -2.44 4.62
N SER A 418 -8.20 -1.25 5.20
CA SER A 418 -8.49 0.05 4.54
C SER A 418 -7.87 0.20 3.15
N ASN A 419 -8.58 0.87 2.26
CA ASN A 419 -8.04 1.27 0.95
C ASN A 419 -7.46 2.67 1.00
N ILE A 420 -6.47 2.93 0.15
CA ILE A 420 -6.02 4.30 0.01
C ILE A 420 -6.90 5.10 -0.96
N LEU B 6 -15.95 14.88 -8.86
CA LEU B 6 -15.98 14.46 -7.43
C LEU B 6 -16.23 12.94 -7.24
N SER B 7 -17.24 12.64 -6.44
CA SER B 7 -17.55 11.30 -5.94
C SER B 7 -18.48 10.47 -6.84
N ASN B 8 -18.86 11.04 -7.99
CA ASN B 8 -19.76 10.36 -8.91
C ASN B 8 -19.10 9.87 -10.20
N LYS B 9 -17.76 9.87 -10.21
CA LYS B 9 -16.95 9.50 -11.40
C LYS B 9 -16.33 8.10 -11.24
N LEU B 10 -16.12 7.40 -12.34
CA LEU B 10 -15.52 6.07 -12.32
C LEU B 10 -14.10 6.14 -11.76
N THR B 11 -13.80 5.33 -10.73
CA THR B 11 -12.43 5.27 -10.19
C THR B 11 -11.66 3.98 -10.49
N LEU B 12 -10.34 4.04 -10.30
CA LEU B 12 -9.46 2.93 -10.63
C LEU B 12 -9.66 1.62 -9.86
N ASP B 13 -10.16 1.71 -8.61
CA ASP B 13 -10.46 0.49 -7.82
C ASP B 13 -11.69 -0.27 -8.34
N LYS B 14 -12.47 0.41 -9.18
CA LYS B 14 -13.68 -0.20 -9.76
C LYS B 14 -13.52 -0.48 -11.25
N LEU B 15 -12.43 -0.01 -11.84
CA LEU B 15 -12.23 -0.17 -13.26
C LEU B 15 -11.69 -1.55 -13.46
N ASP B 16 -12.17 -2.23 -14.50
CA ASP B 16 -11.67 -3.56 -14.72
C ASP B 16 -10.54 -3.48 -15.72
N VAL B 17 -9.36 -3.91 -15.28
CA VAL B 17 -8.14 -3.76 -16.06
C VAL B 17 -7.64 -5.15 -16.42
N LYS B 18 -8.19 -6.15 -15.73
CA LYS B 18 -7.69 -7.51 -15.86
C LYS B 18 -7.82 -7.92 -17.30
N GLY B 19 -6.67 -8.22 -17.91
CA GLY B 19 -6.57 -8.58 -19.32
C GLY B 19 -6.77 -7.42 -20.27
N LYS B 20 -6.65 -6.18 -19.79
CA LYS B 20 -6.73 -4.98 -20.65
C LYS B 20 -5.38 -4.32 -20.85
N ARG B 21 -5.25 -3.59 -21.95
CA ARG B 21 -4.14 -2.64 -22.11
C ARG B 21 -4.56 -1.33 -21.54
N VAL B 22 -3.79 -0.80 -20.58
CA VAL B 22 -4.14 0.50 -19.97
C VAL B 22 -3.31 1.63 -20.56
N VAL B 23 -3.95 2.78 -20.82
CA VAL B 23 -3.29 4.03 -21.20
C VAL B 23 -3.60 5.10 -20.17
N MET B 24 -2.59 5.51 -19.40
CA MET B 24 -2.74 6.46 -18.31
C MET B 24 -2.09 7.83 -18.55
N ARG B 25 -2.91 8.89 -18.52
CA ARG B 25 -2.40 10.28 -18.43
C ARG B 25 -1.88 10.52 -16.99
N VAL B 26 -0.64 11.00 -16.91
CA VAL B 26 -0.04 11.39 -15.64
C VAL B 26 0.53 12.81 -15.81
N ASP B 27 0.91 13.43 -14.71
CA ASP B 27 1.62 14.68 -14.78
C ASP B 27 3.06 14.43 -14.29
N PHE B 28 3.98 14.35 -15.25
CA PHE B 28 5.40 14.20 -14.90
C PHE B 28 6.15 15.49 -15.20
N ASN B 29 5.43 16.61 -15.21
CA ASN B 29 6.03 17.94 -15.50
C ASN B 29 6.82 18.39 -14.28
N VAL B 30 7.99 17.80 -14.07
CA VAL B 30 8.79 18.04 -12.88
C VAL B 30 9.80 19.18 -13.09
N PRO B 31 10.04 19.99 -12.02
CA PRO B 31 11.04 21.04 -12.08
C PRO B 31 12.44 20.49 -12.34
N MET B 32 13.17 21.08 -13.27
CA MET B 32 14.54 20.63 -13.46
C MET B 32 15.59 21.74 -13.68
N LYS B 33 16.85 21.38 -13.40
CA LYS B 33 18.01 22.25 -13.55
C LYS B 33 19.09 21.47 -14.31
N ASN B 34 19.47 22.01 -15.48
CA ASN B 34 20.18 21.24 -16.53
C ASN B 34 19.28 20.12 -17.03
N ASN B 35 19.83 18.93 -17.26
CA ASN B 35 18.96 17.80 -17.61
C ASN B 35 18.51 16.97 -16.38
N GLN B 36 18.50 17.60 -15.21
CA GLN B 36 18.30 16.88 -13.94
C GLN B 36 17.10 17.33 -13.13
N ILE B 37 16.37 16.34 -12.60
CA ILE B 37 15.17 16.55 -11.79
C ILE B 37 15.57 17.08 -10.42
N THR B 38 15.01 18.22 -10.01
CA THR B 38 15.34 18.80 -8.70
C THR B 38 14.27 18.48 -7.64
N ASN B 39 13.17 17.87 -8.07
CA ASN B 39 12.10 17.43 -7.18
C ASN B 39 11.31 16.37 -7.91
N ASN B 40 11.31 15.14 -7.40
CA ASN B 40 10.62 14.04 -8.06
C ASN B 40 9.32 13.54 -7.40
N GLN B 41 8.59 14.44 -6.71
CA GLN B 41 7.31 14.10 -6.05
C GLN B 41 6.18 13.78 -7.03
N ARG B 42 6.14 14.48 -8.16
CA ARG B 42 5.12 14.20 -9.17
C ARG B 42 5.22 12.81 -9.75
N ILE B 43 6.44 12.26 -9.82
CA ILE B 43 6.66 10.93 -10.33
C ILE B 43 6.32 9.88 -9.28
N LYS B 44 6.79 10.08 -8.04
CA LYS B 44 6.42 9.18 -6.93
C LYS B 44 4.92 9.02 -6.82
N ALA B 45 4.20 10.14 -6.85
CA ALA B 45 2.74 10.19 -6.75
C ALA B 45 1.97 9.19 -7.64
N ALA B 46 2.37 9.03 -8.90
CA ALA B 46 1.68 8.17 -9.87
C ALA B 46 1.92 6.69 -9.59
N VAL B 47 3.05 6.38 -8.97
CA VAL B 47 3.51 4.99 -8.79
C VAL B 47 2.44 3.99 -8.29
N PRO B 48 1.60 4.37 -7.30
CA PRO B 48 0.60 3.38 -6.86
C PRO B 48 -0.48 2.98 -7.88
N SER B 49 -0.89 3.90 -8.77
CA SER B 49 -1.89 3.55 -9.79
C SER B 49 -1.29 2.53 -10.76
N ILE B 50 0.02 2.62 -10.95
CA ILE B 50 0.73 1.83 -11.97
C ILE B 50 0.92 0.43 -11.48
N LYS B 51 1.36 0.29 -10.24
CA LYS B 51 1.46 -0.98 -9.55
C LYS B 51 0.13 -1.70 -9.45
N PHE B 52 -0.95 -0.96 -9.26
CA PHE B 52 -2.27 -1.56 -9.10
C PHE B 52 -2.66 -2.25 -10.38
N CYS B 53 -2.40 -1.57 -11.51
CA CYS B 53 -2.77 -2.08 -12.81
C CYS B 53 -1.98 -3.33 -13.08
N LEU B 54 -0.70 -3.32 -12.74
CA LEU B 54 0.13 -4.50 -12.92
C LEU B 54 -0.23 -5.66 -11.94
N ASP B 55 -0.63 -5.34 -10.71
CA ASP B 55 -1.02 -6.33 -9.72
C ASP B 55 -2.35 -7.01 -10.09
N ASN B 56 -3.27 -6.21 -10.64
CA ASN B 56 -4.59 -6.67 -11.10
C ASN B 56 -4.69 -7.25 -12.54
N GLY B 57 -3.55 -7.48 -13.20
CA GLY B 57 -3.52 -8.20 -14.46
C GLY B 57 -3.65 -7.38 -15.74
N ALA B 58 -3.27 -6.09 -15.68
CA ALA B 58 -3.31 -5.28 -16.88
C ALA B 58 -2.33 -5.95 -17.80
N LYS B 59 -2.56 -5.87 -19.10
CA LYS B 59 -1.61 -6.38 -20.09
C LYS B 59 -0.36 -5.49 -20.18
N SER B 60 -0.56 -4.18 -20.08
CA SER B 60 0.49 -3.18 -20.33
C SER B 60 -0.01 -1.87 -19.73
N VAL B 61 0.89 -0.93 -19.43
CA VAL B 61 0.52 0.43 -19.00
C VAL B 61 1.32 1.46 -19.78
N VAL B 62 0.65 2.14 -20.71
CA VAL B 62 1.30 3.21 -21.47
C VAL B 62 1.09 4.54 -20.74
N LEU B 63 2.18 5.28 -20.52
CA LEU B 63 2.16 6.57 -19.81
C LEU B 63 2.40 7.74 -20.75
N MET B 64 1.60 8.80 -20.55
CA MET B 64 1.73 10.04 -21.33
C MET B 64 1.69 11.30 -20.45
N SER B 65 2.52 12.28 -20.77
CA SER B 65 2.59 13.53 -20.00
C SER B 65 3.06 14.65 -20.89
N HIS B 66 3.06 15.85 -20.35
CA HIS B 66 3.76 16.99 -20.94
C HIS B 66 4.91 17.34 -19.98
N LEU B 67 5.78 18.23 -20.45
CA LEU B 67 6.93 18.74 -19.70
C LEU B 67 7.38 20.13 -20.18
N GLY B 68 7.19 21.15 -19.33
CA GLY B 68 7.46 22.56 -19.65
C GLY B 68 6.44 23.16 -20.62
N ARG B 69 6.74 24.37 -21.09
CA ARG B 69 5.98 25.00 -22.17
C ARG B 69 6.78 25.10 -23.49
N PRO B 70 6.76 24.02 -24.31
CA PRO B 70 7.47 24.12 -25.60
C PRO B 70 6.57 24.54 -26.78
N ASP B 71 5.26 24.62 -26.55
CA ASP B 71 4.31 25.29 -27.47
C ASP B 71 4.10 24.62 -28.85
N GLY B 72 4.13 23.29 -28.89
CA GLY B 72 3.86 22.54 -30.13
C GLY B 72 5.00 22.51 -31.13
N VAL B 73 6.21 22.80 -30.66
CA VAL B 73 7.45 22.65 -31.43
C VAL B 73 8.24 21.58 -30.72
N PRO B 74 8.79 20.60 -31.45
CA PRO B 74 9.67 19.66 -30.77
C PRO B 74 10.97 20.31 -30.29
N MET B 75 11.35 20.01 -29.04
CA MET B 75 12.57 20.54 -28.44
C MET B 75 13.24 19.44 -27.63
N PRO B 76 13.67 18.34 -28.31
CA PRO B 76 14.23 17.20 -27.56
C PRO B 76 15.46 17.53 -26.71
N ASP B 77 16.14 18.63 -27.05
CA ASP B 77 17.37 19.05 -26.40
C ASP B 77 17.13 20.02 -25.24
N LYS B 78 15.89 20.41 -24.99
CA LYS B 78 15.60 21.20 -23.80
C LYS B 78 14.48 20.63 -22.93
N TYR B 79 13.49 20.01 -23.55
CA TYR B 79 12.30 19.56 -22.83
C TYR B 79 11.98 18.09 -23.02
N SER B 80 12.98 17.25 -23.24
CA SER B 80 12.70 15.83 -23.37
C SER B 80 12.30 15.13 -22.06
N LEU B 81 11.42 14.12 -22.20
CA LEU B 81 10.90 13.34 -21.05
C LEU B 81 11.71 12.07 -20.75
N GLU B 82 12.79 11.86 -21.50
CA GLU B 82 13.75 10.78 -21.22
C GLU B 82 14.19 10.64 -19.73
N PRO B 83 14.74 11.71 -19.10
CA PRO B 83 15.26 11.60 -17.72
C PRO B 83 14.21 11.11 -16.71
N VAL B 84 12.95 11.46 -16.96
CA VAL B 84 11.81 11.02 -16.18
C VAL B 84 11.68 9.49 -16.26
N ALA B 85 11.95 8.91 -17.42
CA ALA B 85 11.90 7.46 -17.53
C ALA B 85 13.05 6.84 -16.73
N VAL B 86 14.18 7.55 -16.66
CA VAL B 86 15.29 7.04 -15.85
C VAL B 86 14.93 7.11 -14.34
N GLU B 87 14.40 8.24 -13.90
CA GLU B 87 13.91 8.34 -12.52
C GLU B 87 12.81 7.33 -12.17
N LEU B 88 11.84 7.16 -13.06
CA LEU B 88 10.69 6.33 -12.78
C LEU B 88 11.04 4.85 -12.66
N LYS B 89 12.02 4.39 -13.46
CA LYS B 89 12.51 3.01 -13.31
C LYS B 89 12.92 2.76 -11.84
N SER B 90 13.63 3.73 -11.26
CA SER B 90 14.20 3.62 -9.91
C SER B 90 13.10 3.63 -8.88
N LEU B 91 12.10 4.47 -9.09
CA LEU B 91 11.00 4.65 -8.16
C LEU B 91 10.04 3.47 -8.19
N LEU B 92 9.82 2.92 -9.37
CA LEU B 92 8.82 1.93 -9.62
C LEU B 92 9.37 0.55 -9.31
N GLY B 93 10.68 0.36 -9.55
CA GLY B 93 11.32 -0.92 -9.38
C GLY B 93 11.06 -1.91 -10.50
N LYS B 94 10.30 -1.50 -11.52
CA LYS B 94 10.19 -2.27 -12.77
C LYS B 94 10.74 -1.43 -13.93
N ASP B 95 11.15 -2.11 -14.99
CA ASP B 95 11.72 -1.44 -16.15
C ASP B 95 10.69 -0.59 -16.90
N VAL B 96 11.12 0.58 -17.41
CA VAL B 96 10.24 1.48 -18.18
C VAL B 96 10.82 1.73 -19.58
N LEU B 97 10.03 1.49 -20.63
CA LEU B 97 10.47 1.69 -22.04
C LEU B 97 10.15 3.09 -22.49
N PHE B 98 11.12 3.78 -23.05
CA PHE B 98 10.86 5.16 -23.47
C PHE B 98 10.76 5.19 -24.98
N LEU B 99 9.68 5.76 -25.50
CA LEU B 99 9.38 5.74 -26.92
C LEU B 99 9.09 7.13 -27.49
N LYS B 100 10.02 7.62 -28.30
CA LYS B 100 9.84 8.91 -28.99
C LYS B 100 8.66 8.98 -29.99
N ASP B 101 8.31 7.81 -30.57
CA ASP B 101 7.42 7.71 -31.75
C ASP B 101 6.16 6.82 -31.52
N CYS B 102 5.08 7.40 -30.99
CA CYS B 102 3.82 6.66 -30.81
C CYS B 102 2.55 7.50 -30.97
N VAL B 103 2.56 8.52 -31.83
CA VAL B 103 1.31 9.12 -32.30
C VAL B 103 1.21 9.10 -33.82
N GLU B 108 2.30 2.23 -34.98
CA GLU B 108 2.67 2.10 -33.56
C GLU B 108 3.19 0.71 -33.16
N LYS B 109 2.28 -0.23 -32.86
CA LYS B 109 2.61 -1.66 -32.63
C LYS B 109 3.27 -1.99 -31.30
N ALA B 110 4.37 -1.29 -31.01
CA ALA B 110 5.04 -1.42 -29.73
C ALA B 110 4.13 -0.71 -28.75
N CYS B 111 3.42 0.27 -29.28
CA CYS B 111 2.44 1.00 -28.53
C CYS B 111 1.12 0.22 -28.59
N ALA B 112 0.85 -0.38 -29.74
CA ALA B 112 -0.46 -0.98 -30.00
C ALA B 112 -0.67 -2.27 -29.24
N ASN B 113 0.32 -3.15 -29.29
CA ASN B 113 0.27 -4.43 -28.63
C ASN B 113 1.67 -4.72 -28.07
N PRO B 114 1.92 -4.27 -26.83
CA PRO B 114 3.22 -4.44 -26.19
C PRO B 114 3.33 -5.79 -25.48
N ALA B 115 4.55 -6.17 -25.10
CA ALA B 115 4.82 -7.38 -24.30
C ALA B 115 4.07 -7.35 -22.99
N ALA B 116 3.68 -8.54 -22.52
CA ALA B 116 2.96 -8.67 -21.26
C ALA B 116 3.71 -7.99 -20.10
N GLY B 117 3.00 -7.11 -19.39
CA GLY B 117 3.51 -6.37 -18.22
C GLY B 117 4.37 -5.14 -18.51
N SER B 118 4.22 -4.58 -19.71
CA SER B 118 5.07 -3.49 -20.17
C SER B 118 4.65 -2.20 -19.57
N VAL B 119 5.62 -1.51 -18.97
CA VAL B 119 5.48 -0.09 -18.64
C VAL B 119 6.22 0.75 -19.67
N ILE B 120 5.49 1.66 -20.30
CA ILE B 120 6.00 2.49 -21.36
C ILE B 120 5.68 3.93 -21.01
N LEU B 121 6.61 4.85 -21.31
CA LEU B 121 6.45 6.32 -21.19
C LEU B 121 6.62 6.93 -22.60
N LEU B 122 5.71 7.86 -22.97
CA LEU B 122 5.76 8.47 -24.29
C LEU B 122 6.55 9.79 -24.26
N GLU B 123 6.94 10.31 -25.41
CA GLU B 123 7.67 11.59 -25.42
C GLU B 123 6.68 12.73 -25.13
N ASN B 124 7.22 13.84 -24.62
CA ASN B 124 6.45 15.04 -24.35
C ASN B 124 5.26 15.27 -25.32
N LEU B 125 4.03 15.29 -24.78
CA LEU B 125 2.83 15.48 -25.59
C LEU B 125 2.81 16.85 -26.32
N ARG B 126 3.33 17.88 -25.65
CA ARG B 126 3.36 19.27 -26.15
C ARG B 126 4.46 19.57 -27.20
N PHE B 127 5.10 18.53 -27.75
CA PHE B 127 5.94 18.71 -28.94
C PHE B 127 4.96 18.79 -30.13
N HIS B 128 3.71 18.43 -29.85
CA HIS B 128 2.65 18.50 -30.81
C HIS B 128 1.70 19.64 -30.50
N VAL B 129 1.43 20.47 -31.51
CA VAL B 129 0.43 21.54 -31.43
C VAL B 129 -1.02 21.01 -31.18
N GLU B 130 -1.27 19.74 -31.48
CA GLU B 130 -2.60 19.14 -31.26
C GLU B 130 -2.96 18.88 -29.77
N GLU B 131 -1.97 18.83 -28.87
CA GLU B 131 -2.23 18.63 -27.44
C GLU B 131 -3.07 19.77 -26.87
N GLU B 132 -2.55 21.00 -27.02
CA GLU B 132 -3.23 22.21 -26.58
C GLU B 132 -4.25 22.83 -27.53
N GLY B 133 -4.13 22.53 -28.82
CA GLY B 133 -4.91 23.23 -29.84
C GLY B 133 -4.31 24.54 -30.35
N LYS B 134 -3.16 24.94 -29.83
CA LYS B 134 -2.49 26.16 -30.21
C LYS B 134 -1.06 26.08 -29.79
N GLY B 135 -0.22 26.87 -30.43
CA GLY B 135 1.16 27.08 -29.98
C GLY B 135 1.87 28.16 -30.77
N LYS B 136 3.17 27.91 -31.01
CA LYS B 136 4.00 28.76 -31.86
C LYS B 136 4.80 27.88 -32.83
N ASP B 137 5.33 28.51 -33.89
CA ASP B 137 6.36 27.87 -34.71
C ASP B 137 7.72 28.00 -34.00
N ALA B 138 8.77 27.68 -34.74
CA ALA B 138 10.14 27.84 -34.25
C ALA B 138 10.57 29.31 -33.96
N SER B 139 9.82 30.29 -34.48
CA SER B 139 10.19 31.72 -34.31
C SER B 139 9.55 32.43 -33.10
N GLY B 140 8.23 32.25 -32.94
CA GLY B 140 7.49 32.83 -31.81
C GLY B 140 6.08 33.27 -32.17
N ASN B 141 5.59 32.83 -33.32
CA ASN B 141 4.32 33.30 -33.86
C ASN B 141 3.20 32.28 -33.65
N LYS B 142 2.03 32.77 -33.22
CA LYS B 142 0.86 31.92 -32.92
C LYS B 142 0.44 31.04 -34.10
N VAL B 143 -0.08 29.85 -33.82
CA VAL B 143 -0.58 28.90 -34.83
C VAL B 143 -1.83 28.14 -34.35
N LYS B 144 -2.93 28.27 -35.09
CA LYS B 144 -4.18 27.61 -34.71
C LYS B 144 -4.35 26.24 -35.37
N ALA B 145 -4.49 25.21 -34.54
CA ALA B 145 -4.61 23.81 -34.99
C ALA B 145 -5.85 23.51 -35.83
N GLU B 146 -5.75 22.53 -36.71
CA GLU B 146 -6.88 22.14 -37.55
C GLU B 146 -7.66 21.00 -36.89
N PRO B 147 -9.00 21.01 -37.03
CA PRO B 147 -9.86 20.00 -36.40
C PRO B 147 -9.56 18.55 -36.82
N ALA B 148 -9.25 18.35 -38.10
CA ALA B 148 -8.87 17.04 -38.64
C ALA B 148 -7.56 16.55 -38.02
N LYS B 149 -6.59 17.45 -37.87
CA LYS B 149 -5.32 17.15 -37.17
C LYS B 149 -5.54 16.76 -35.68
N ILE B 150 -6.37 17.55 -35.01
CA ILE B 150 -6.74 17.36 -33.62
C ILE B 150 -7.50 16.05 -33.46
N GLU B 151 -8.43 15.79 -34.38
CA GLU B 151 -9.09 14.49 -34.42
C GLU B 151 -8.10 13.37 -34.63
N ALA B 152 -7.06 13.62 -35.43
CA ALA B 152 -6.05 12.56 -35.69
C ALA B 152 -5.22 12.27 -34.44
N PHE B 153 -4.75 13.31 -33.77
CA PHE B 153 -4.03 13.18 -32.49
C PHE B 153 -4.79 12.32 -31.49
N ARG B 154 -6.09 12.57 -31.39
CA ARG B 154 -6.89 11.97 -30.35
C ARG B 154 -7.13 10.50 -30.57
N ALA B 155 -7.26 10.13 -31.85
CA ALA B 155 -7.42 8.74 -32.28
C ALA B 155 -6.13 7.99 -32.12
N SER B 156 -4.99 8.68 -32.25
CA SER B 156 -3.70 8.08 -31.98
C SER B 156 -3.58 7.62 -30.53
N LEU B 157 -4.00 8.47 -29.58
CA LEU B 157 -3.80 8.16 -28.17
C LEU B 157 -4.77 7.08 -27.77
N SER B 158 -5.97 7.14 -28.35
CA SER B 158 -7.06 6.25 -27.99
C SER B 158 -6.77 4.82 -28.41
N LYS B 159 -5.82 4.65 -29.33
CA LYS B 159 -5.43 3.31 -29.74
C LYS B 159 -4.44 2.66 -28.76
N LEU B 160 -3.80 3.48 -27.94
CA LEU B 160 -2.77 2.98 -27.01
C LEU B 160 -3.30 2.04 -25.92
N GLY B 161 -4.60 2.12 -25.63
CA GLY B 161 -5.20 1.30 -24.60
C GLY B 161 -6.58 0.78 -24.93
N ASP B 162 -7.05 -0.14 -24.10
CA ASP B 162 -8.43 -0.60 -24.08
C ASP B 162 -9.26 0.23 -23.08
N VAL B 163 -8.60 0.82 -22.08
CA VAL B 163 -9.24 1.66 -21.07
C VAL B 163 -8.31 2.83 -20.73
N TYR B 164 -8.79 3.77 -19.92
CA TYR B 164 -8.08 5.02 -19.76
C TYR B 164 -8.11 5.43 -18.33
N VAL B 165 -6.95 5.77 -17.78
CA VAL B 165 -6.86 6.38 -16.44
C VAL B 165 -6.33 7.83 -16.52
N ASN B 166 -6.98 8.76 -15.81
CA ASN B 166 -6.31 10.01 -15.53
C ASN B 166 -5.80 10.10 -14.07
N ASP B 167 -4.48 10.03 -13.91
CA ASP B 167 -3.82 10.32 -12.63
C ASP B 167 -3.19 11.70 -12.55
N ALA B 168 -3.53 12.59 -13.51
CA ALA B 168 -2.82 13.89 -13.71
C ALA B 168 -3.47 15.09 -13.03
N PHE B 169 -3.53 15.04 -11.70
CA PHE B 169 -4.16 16.10 -10.95
C PHE B 169 -3.53 17.49 -11.16
N GLY B 170 -2.21 17.57 -11.22
CA GLY B 170 -1.61 18.88 -11.49
C GLY B 170 -2.03 19.53 -12.80
N THR B 171 -2.70 18.76 -13.67
CA THR B 171 -3.05 19.18 -15.04
C THR B 171 -4.57 19.19 -15.22
N ALA B 172 -5.28 18.88 -14.14
CA ALA B 172 -6.75 18.72 -14.18
C ALA B 172 -7.45 19.93 -14.77
N HIS B 173 -6.85 21.10 -14.61
CA HIS B 173 -7.42 22.34 -15.10
C HIS B 173 -7.22 22.62 -16.59
N ARG B 174 -6.50 21.73 -17.29
CA ARG B 174 -6.29 21.85 -18.73
C ARG B 174 -7.27 21.04 -19.58
N ALA B 175 -8.00 21.74 -20.45
CA ALA B 175 -8.91 21.13 -21.38
C ALA B 175 -8.14 20.77 -22.67
N HIS B 176 -6.98 20.13 -22.50
CA HIS B 176 -6.15 19.63 -23.60
C HIS B 176 -6.58 18.23 -24.04
N SER B 177 -6.04 17.77 -25.16
CA SER B 177 -6.47 16.53 -25.84
C SER B 177 -6.20 15.24 -25.10
N SER B 178 -5.04 15.14 -24.45
CA SER B 178 -4.76 13.98 -23.64
C SER B 178 -5.64 13.93 -22.38
N MET B 179 -6.30 15.05 -22.05
CA MET B 179 -7.03 15.20 -20.80
C MET B 179 -8.52 15.07 -21.00
N VAL B 180 -9.02 15.60 -22.11
CA VAL B 180 -10.45 15.48 -22.41
C VAL B 180 -10.85 14.69 -23.66
N GLY B 181 -9.90 14.43 -24.56
CA GLY B 181 -10.24 13.88 -25.88
C GLY B 181 -9.96 12.42 -26.18
N VAL B 182 -9.51 11.65 -25.19
CA VAL B 182 -9.44 10.20 -25.34
C VAL B 182 -10.86 9.60 -25.41
N ASN B 183 -11.08 8.70 -26.39
CA ASN B 183 -12.37 8.04 -26.61
C ASN B 183 -12.33 6.55 -26.35
N LEU B 184 -12.68 6.16 -25.14
CA LEU B 184 -12.70 4.77 -24.75
C LEU B 184 -13.87 4.65 -23.76
N PRO B 185 -14.62 3.54 -23.78
CA PRO B 185 -15.79 3.36 -22.92
C PRO B 185 -15.57 3.70 -21.46
N GLN B 186 -14.46 3.25 -20.89
CA GLN B 186 -14.19 3.42 -19.47
C GLN B 186 -13.02 4.33 -19.29
N LYS B 187 -13.27 5.51 -18.71
CA LYS B 187 -12.24 6.54 -18.49
C LYS B 187 -12.32 6.92 -17.03
N ALA B 188 -11.37 6.41 -16.25
CA ALA B 188 -11.45 6.39 -14.80
C ALA B 188 -10.41 7.28 -14.17
N GLY B 189 -10.73 7.85 -13.02
CA GLY B 189 -9.75 8.64 -12.27
C GLY B 189 -8.87 7.70 -11.46
N GLY B 190 -7.57 7.97 -11.53
CA GLY B 190 -6.59 7.23 -10.74
C GLY B 190 -6.52 7.61 -9.26
N PHE B 191 -5.77 6.79 -8.52
CA PHE B 191 -5.57 6.96 -7.09
C PHE B 191 -4.99 8.32 -6.68
N LEU B 192 -4.24 8.98 -7.57
CA LEU B 192 -3.73 10.33 -7.20
C LEU B 192 -4.83 11.36 -7.38
N MET B 193 -5.53 11.28 -8.50
CA MET B 193 -6.71 12.11 -8.71
C MET B 193 -7.76 11.93 -7.59
N LYS B 194 -8.00 10.68 -7.19
CA LYS B 194 -8.98 10.41 -6.15
C LYS B 194 -8.50 11.00 -4.79
N LYS B 195 -7.26 10.70 -4.38
CA LYS B 195 -6.71 11.21 -3.11
C LYS B 195 -6.77 12.74 -3.05
N GLU B 196 -6.28 13.40 -4.11
CA GLU B 196 -6.26 14.88 -4.20
C GLU B 196 -7.66 15.46 -4.03
N LEU B 197 -8.62 14.92 -4.75
CA LEU B 197 -10.02 15.40 -4.73
C LEU B 197 -10.75 15.12 -3.41
N ASN B 198 -10.47 13.99 -2.77
CA ASN B 198 -11.06 13.71 -1.46
C ASN B 198 -10.54 14.71 -0.44
N TYR B 199 -9.25 14.99 -0.48
CA TYR B 199 -8.72 16.00 0.42
C TYR B 199 -9.38 17.37 0.26
N PHE B 200 -9.38 17.93 -0.94
CA PHE B 200 -9.89 19.28 -1.18
C PHE B 200 -11.40 19.50 -1.02
N ALA B 201 -12.19 18.43 -1.18
CA ALA B 201 -13.65 18.54 -1.18
C ALA B 201 -14.19 18.33 0.23
N LYS B 202 -13.71 17.27 0.87
CA LYS B 202 -13.91 17.05 2.30
C LYS B 202 -13.39 18.22 3.13
N ALA B 203 -12.51 19.02 2.54
CA ALA B 203 -12.06 20.25 3.19
C ALA B 203 -12.95 21.41 2.81
N LEU B 204 -13.58 21.33 1.63
CA LEU B 204 -14.36 22.45 1.11
C LEU B 204 -15.87 22.34 1.33
N GLU B 205 -16.36 21.12 1.52
CA GLU B 205 -17.80 20.92 1.71
C GLU B 205 -18.10 20.69 3.16
N SER B 206 -17.29 19.87 3.85
CA SER B 206 -17.56 19.60 5.27
C SER B 206 -16.38 19.91 6.18
N PRO B 207 -15.89 21.18 6.16
CA PRO B 207 -14.64 21.58 6.83
C PRO B 207 -14.58 21.26 8.32
N GLU B 208 -13.38 20.98 8.81
CA GLU B 208 -13.09 20.97 10.23
C GLU B 208 -12.92 22.42 10.70
N ARG B 209 -13.50 22.73 11.86
CA ARG B 209 -13.52 24.11 12.32
C ARG B 209 -12.85 24.24 13.69
N PRO B 210 -12.13 25.36 13.92
CA PRO B 210 -11.90 26.47 12.97
C PRO B 210 -11.06 26.07 11.76
N PHE B 211 -11.39 26.67 10.62
CA PHE B 211 -10.73 26.42 9.34
C PHE B 211 -9.89 27.65 8.96
N LEU B 212 -8.60 27.46 8.70
CA LEU B 212 -7.71 28.55 8.28
C LEU B 212 -7.12 28.33 6.88
N ALA B 213 -7.11 29.40 6.09
CA ALA B 213 -6.50 29.36 4.77
C ALA B 213 -5.28 30.29 4.76
N ILE B 214 -4.14 29.78 4.34
CA ILE B 214 -2.97 30.63 4.25
C ILE B 214 -2.72 30.88 2.79
N LEU B 215 -2.79 32.14 2.39
CA LEU B 215 -2.59 32.46 0.99
C LEU B 215 -1.39 33.37 0.82
N GLY B 216 -0.44 32.93 0.02
CA GLY B 216 0.75 33.70 -0.27
C GLY B 216 0.85 33.93 -1.74
N GLY B 217 1.77 34.80 -2.14
CA GLY B 217 1.99 35.04 -3.54
C GLY B 217 2.43 36.45 -3.80
N ALA B 218 2.77 36.70 -5.06
CA ALA B 218 3.36 37.95 -5.52
C ALA B 218 2.34 38.97 -6.02
N LYS B 219 1.59 38.60 -7.06
CA LYS B 219 0.61 39.49 -7.66
C LYS B 219 -0.77 39.19 -7.11
N VAL B 220 -1.48 40.22 -6.68
CA VAL B 220 -2.79 40.07 -6.02
C VAL B 220 -3.97 40.06 -7.04
N ALA B 221 -3.83 40.85 -8.11
CA ALA B 221 -4.73 40.76 -9.26
C ALA B 221 -5.09 39.28 -9.44
N ASP B 222 -4.04 38.45 -9.60
CA ASP B 222 -4.14 36.99 -9.81
C ASP B 222 -5.05 36.22 -8.82
N LYS B 223 -5.36 36.84 -7.68
CA LYS B 223 -5.91 36.07 -6.58
C LYS B 223 -7.23 36.57 -5.99
N ILE B 224 -7.79 37.61 -6.59
CA ILE B 224 -9.01 38.22 -6.10
C ILE B 224 -10.06 37.13 -5.89
N GLN B 225 -10.27 36.34 -6.95
CA GLN B 225 -11.33 35.34 -7.00
C GLN B 225 -11.02 34.21 -6.04
N LEU B 226 -9.74 33.90 -5.91
CA LEU B 226 -9.30 32.96 -4.91
C LEU B 226 -9.77 33.42 -3.52
N ILE B 227 -9.26 34.58 -3.07
CA ILE B 227 -9.64 35.14 -1.77
C ILE B 227 -11.16 35.21 -1.59
N ASN B 228 -11.84 35.82 -2.57
CA ASN B 228 -13.28 36.00 -2.52
C ASN B 228 -14.07 34.71 -2.25
N ASN B 229 -13.71 33.62 -2.91
CA ASN B 229 -14.50 32.40 -2.75
C ASN B 229 -14.06 31.70 -1.48
N MET B 230 -12.80 31.88 -1.10
CA MET B 230 -12.30 31.30 0.13
C MET B 230 -13.05 31.83 1.35
N LEU B 231 -13.27 33.14 1.34
CA LEU B 231 -14.03 33.81 2.41
C LEU B 231 -15.42 33.24 2.66
N ASP B 232 -16.04 32.62 1.66
CA ASP B 232 -17.33 31.95 1.88
C ASP B 232 -17.27 30.75 2.86
N LYS B 233 -16.06 30.27 3.16
CA LYS B 233 -15.86 29.03 3.94
C LYS B 233 -15.11 29.24 5.28
N VAL B 234 -14.02 30.01 5.25
CA VAL B 234 -13.07 30.00 6.36
C VAL B 234 -13.55 30.77 7.59
N ASN B 235 -12.97 30.40 8.72
CA ASN B 235 -13.03 31.16 9.96
C ASN B 235 -11.87 32.17 10.09
N GLU B 236 -10.77 31.95 9.34
CA GLU B 236 -9.59 32.84 9.36
C GLU B 236 -8.73 32.77 8.10
N MET B 237 -7.89 33.78 7.90
CA MET B 237 -7.03 33.82 6.73
C MET B 237 -5.73 34.64 6.91
N ILE B 238 -4.61 34.00 6.62
CA ILE B 238 -3.37 34.74 6.44
C ILE B 238 -3.18 35.13 4.96
N ILE B 239 -3.05 36.43 4.72
CA ILE B 239 -2.65 36.95 3.44
C ILE B 239 -1.19 37.31 3.64
N GLY B 240 -0.31 36.41 3.20
CA GLY B 240 1.12 36.62 3.24
C GLY B 240 1.66 36.78 1.83
N GLY B 241 2.95 37.01 1.73
CA GLY B 241 3.61 37.14 0.42
C GLY B 241 3.94 38.57 0.00
N GLY B 242 4.23 38.76 -1.29
CA GLY B 242 4.47 40.09 -1.87
C GLY B 242 3.19 40.89 -2.03
N MET B 243 2.06 40.17 -1.89
CA MET B 243 0.73 40.72 -2.06
C MET B 243 0.19 41.31 -0.77
N ALA B 244 0.90 41.06 0.32
CA ALA B 244 0.63 41.73 1.59
C ALA B 244 0.77 43.25 1.50
N PHE B 245 1.76 43.73 0.76
CA PHE B 245 2.02 45.19 0.62
C PHE B 245 0.89 46.04 0.06
N THR B 246 0.12 45.48 -0.88
CA THR B 246 -1.05 46.13 -1.42
C THR B 246 -2.10 46.29 -0.32
N PHE B 247 -2.11 45.36 0.63
CA PHE B 247 -3.12 45.42 1.68
C PHE B 247 -2.67 46.39 2.76
N LEU B 248 -1.37 46.39 3.03
CA LEU B 248 -0.86 47.19 4.15
C LEU B 248 -0.85 48.68 3.79
N LYS B 249 -0.34 49.01 2.61
CA LYS B 249 -0.46 50.35 2.04
C LYS B 249 -1.89 50.92 2.10
N VAL B 250 -2.86 50.14 1.64
CA VAL B 250 -4.25 50.54 1.68
C VAL B 250 -4.84 50.62 3.12
N LEU B 251 -4.76 49.53 3.89
CA LEU B 251 -5.47 49.43 5.18
C LEU B 251 -4.79 50.16 6.34
N ASN B 252 -3.47 50.29 6.27
CA ASN B 252 -2.64 50.78 7.37
C ASN B 252 -1.83 52.02 6.95
N ASN B 253 -2.09 52.48 5.73
CA ASN B 253 -1.31 53.53 5.08
C ASN B 253 0.19 53.31 5.29
N MET B 254 0.60 52.04 5.26
CA MET B 254 2.00 51.67 5.40
C MET B 254 2.77 52.14 4.18
N GLU B 255 4.03 52.48 4.38
CA GLU B 255 4.90 52.87 3.28
C GLU B 255 5.94 51.78 2.94
N ILE B 256 5.87 51.29 1.71
CA ILE B 256 6.31 49.94 1.34
C ILE B 256 7.59 49.91 0.50
N GLY B 257 8.21 51.08 0.32
CA GLY B 257 9.39 51.22 -0.50
C GLY B 257 9.06 50.74 -1.89
N THR B 258 9.98 49.99 -2.50
CA THR B 258 9.75 49.44 -3.83
C THR B 258 9.23 47.98 -3.84
N SER B 259 8.60 47.55 -2.74
CA SER B 259 7.88 46.27 -2.69
C SER B 259 6.85 46.19 -3.81
N LEU B 260 6.47 44.95 -4.16
CA LEU B 260 5.39 44.71 -5.12
C LEU B 260 4.11 45.36 -4.68
N PHE B 261 3.52 46.13 -5.59
CA PHE B 261 2.24 46.78 -5.35
C PHE B 261 1.43 46.80 -6.64
N ASP B 262 0.23 46.19 -6.59
CA ASP B 262 -0.71 46.22 -7.71
C ASP B 262 -1.76 47.29 -7.51
N GLU B 263 -1.54 48.41 -8.20
CA GLU B 263 -2.41 49.58 -8.15
C GLU B 263 -3.88 49.27 -8.48
N GLU B 264 -4.12 48.22 -9.27
CA GLU B 264 -5.49 47.79 -9.62
C GLU B 264 -6.21 46.99 -8.54
N GLY B 265 -5.54 45.96 -8.00
CA GLY B 265 -6.06 45.21 -6.86
C GLY B 265 -6.21 46.03 -5.58
N ALA B 266 -5.52 47.18 -5.54
CA ALA B 266 -5.61 48.17 -4.46
C ALA B 266 -7.01 48.70 -4.28
N LYS B 267 -7.73 48.77 -5.40
CA LYS B 267 -9.10 49.26 -5.47
C LYS B 267 -10.14 48.19 -5.04
N ILE B 268 -9.67 46.96 -4.80
CA ILE B 268 -10.54 45.84 -4.44
C ILE B 268 -10.40 45.43 -2.97
N VAL B 269 -9.35 45.91 -2.31
CA VAL B 269 -9.10 45.58 -0.90
C VAL B 269 -10.34 45.82 -0.03
N LYS B 270 -10.89 47.02 -0.13
CA LYS B 270 -12.09 47.39 0.62
C LYS B 270 -13.18 46.28 0.64
N ASP B 271 -13.56 45.82 -0.55
CA ASP B 271 -14.66 44.88 -0.71
C ASP B 271 -14.26 43.53 -0.13
N LEU B 272 -13.05 43.11 -0.49
CA LEU B 272 -12.50 41.90 0.08
C LEU B 272 -12.62 41.96 1.59
N MET B 273 -12.15 43.08 2.15
CA MET B 273 -12.18 43.32 3.59
C MET B 273 -13.60 43.38 4.18
N SER B 274 -14.51 43.99 3.43
CA SER B 274 -15.90 44.07 3.83
C SER B 274 -16.61 42.69 3.82
N LYS B 275 -16.27 41.82 2.88
CA LYS B 275 -16.81 40.45 2.87
C LYS B 275 -16.26 39.66 4.06
N ALA B 276 -14.97 39.81 4.32
CA ALA B 276 -14.33 39.17 5.48
C ALA B 276 -15.09 39.52 6.75
N GLU B 277 -15.48 40.80 6.80
CA GLU B 277 -16.22 41.33 7.94
C GLU B 277 -17.57 40.61 8.15
N LYS B 278 -18.30 40.33 7.08
CA LYS B 278 -19.65 39.76 7.22
C LYS B 278 -19.66 38.29 7.64
N ASN B 279 -18.72 37.53 7.08
CA ASN B 279 -18.62 36.10 7.31
C ASN B 279 -17.82 35.78 8.55
N GLY B 280 -17.37 36.82 9.28
CA GLY B 280 -16.70 36.65 10.57
C GLY B 280 -15.29 36.09 10.46
N VAL B 281 -14.64 36.39 9.35
CA VAL B 281 -13.28 35.94 9.07
C VAL B 281 -12.27 36.94 9.61
N LYS B 282 -11.30 36.45 10.40
CA LYS B 282 -10.18 37.26 10.83
C LYS B 282 -9.10 37.26 9.75
N ILE B 283 -8.68 38.44 9.31
CA ILE B 283 -7.53 38.57 8.38
C ILE B 283 -6.21 38.89 9.12
N THR B 284 -5.27 37.96 9.12
CA THR B 284 -3.95 38.23 9.70
C THR B 284 -2.93 38.58 8.60
N LEU B 285 -2.33 39.78 8.69
CA LEU B 285 -1.35 40.24 7.70
C LEU B 285 0.04 40.29 8.32
N PRO B 286 1.11 40.38 7.49
CA PRO B 286 2.40 40.53 8.13
C PRO B 286 2.50 41.88 8.81
N VAL B 287 3.40 41.98 9.79
CA VAL B 287 3.69 43.25 10.44
C VAL B 287 5.18 43.64 10.41
N ASP B 288 6.09 42.75 10.02
CA ASP B 288 7.51 43.10 9.82
C ASP B 288 8.08 42.32 8.67
N PHE B 289 9.29 42.69 8.26
CA PHE B 289 9.83 42.30 6.97
C PHE B 289 11.36 42.16 6.96
N VAL B 290 11.84 41.51 5.90
CA VAL B 290 13.24 41.41 5.60
C VAL B 290 13.41 42.14 4.27
N THR B 291 14.14 43.25 4.25
CA THR B 291 14.31 44.07 3.04
C THR B 291 15.55 43.65 2.18
N ALA B 292 15.60 44.11 0.92
CA ALA B 292 16.78 43.98 0.02
C ALA B 292 16.89 45.24 -0.83
N ASP B 293 18.09 45.57 -1.32
CA ASP B 293 18.29 46.85 -2.06
C ASP B 293 17.82 46.78 -3.50
N LYS B 294 17.82 45.56 -4.04
CA LYS B 294 17.32 45.25 -5.36
C LYS B 294 16.84 43.80 -5.38
N PHE B 295 16.01 43.47 -6.38
CA PHE B 295 15.44 42.13 -6.56
C PHE B 295 16.47 41.09 -7.02
N ASP B 296 17.20 40.50 -6.07
CA ASP B 296 18.31 39.57 -6.39
C ASP B 296 18.66 38.61 -5.23
N GLU B 297 19.12 37.41 -5.55
CA GLU B 297 19.46 36.45 -4.51
C GLU B 297 20.56 36.94 -3.56
N ASN B 298 21.57 37.60 -4.14
CA ASN B 298 22.69 38.16 -3.39
C ASN B 298 22.59 39.67 -3.25
N ALA B 299 21.56 40.13 -2.55
CA ALA B 299 21.33 41.57 -2.39
C ALA B 299 21.61 41.96 -0.96
N LYS B 300 22.08 43.18 -0.73
CA LYS B 300 22.26 43.70 0.65
C LYS B 300 20.89 43.69 1.34
N THR B 301 20.80 43.06 2.51
CA THR B 301 19.48 42.90 3.13
C THR B 301 19.22 43.94 4.25
N GLY B 302 18.11 43.80 4.97
CA GLY B 302 17.74 44.77 6.00
C GLY B 302 16.59 44.29 6.86
N GLN B 303 15.93 45.24 7.53
CA GLN B 303 14.71 45.00 8.34
C GLN B 303 13.84 46.25 8.44
N ALA B 304 12.54 46.01 8.65
CA ALA B 304 11.52 47.04 8.72
C ALA B 304 10.24 46.48 9.36
N THR B 305 9.38 47.38 9.84
CA THR B 305 8.09 47.02 10.40
C THR B 305 7.01 47.87 9.75
N VAL B 306 5.76 47.57 10.10
CA VAL B 306 4.63 48.39 9.63
C VAL B 306 4.71 49.79 10.24
N ALA B 307 5.33 49.88 11.41
CA ALA B 307 5.59 51.15 12.08
C ALA B 307 6.76 51.94 11.50
N SER B 308 7.88 51.27 11.21
CA SER B 308 9.06 51.99 10.67
C SER B 308 8.88 52.37 9.22
N GLY B 309 8.20 51.51 8.47
CA GLY B 309 8.04 51.68 7.03
C GLY B 309 9.25 51.15 6.30
N ILE B 310 9.09 50.86 5.02
CA ILE B 310 10.21 50.36 4.25
C ILE B 310 10.86 51.54 3.49
N PRO B 311 12.17 51.78 3.77
CA PRO B 311 12.89 52.91 3.18
C PRO B 311 12.80 52.92 1.66
N ALA B 312 12.68 54.12 1.07
CA ALA B 312 12.64 54.29 -0.39
C ALA B 312 13.76 53.50 -1.07
N GLY B 313 13.48 52.98 -2.27
CA GLY B 313 14.46 52.13 -2.96
C GLY B 313 14.79 50.76 -2.37
N TRP B 314 14.16 50.39 -1.25
CA TRP B 314 14.23 49.01 -0.67
C TRP B 314 12.90 48.23 -0.78
N MET B 315 12.97 46.90 -0.73
CA MET B 315 11.78 46.07 -0.92
C MET B 315 11.74 44.91 0.05
N GLY B 316 10.52 44.55 0.48
CA GLY B 316 10.34 43.41 1.37
C GLY B 316 10.24 42.17 0.52
N LEU B 317 10.95 41.10 0.94
CA LEU B 317 10.97 39.84 0.22
C LEU B 317 10.60 38.62 1.12
N ASP B 318 10.46 38.89 2.41
CA ASP B 318 10.03 37.91 3.40
C ASP B 318 9.38 38.69 4.54
N CYS B 319 8.56 38.01 5.36
CA CYS B 319 8.13 38.58 6.63
C CYS B 319 9.24 38.45 7.68
N GLY B 320 9.19 39.26 8.74
CA GLY B 320 10.13 39.15 9.85
C GLY B 320 9.55 38.22 10.92
N PRO B 321 10.18 38.18 12.11
CA PRO B 321 9.84 37.22 13.17
C PRO B 321 8.57 37.52 13.99
N GLU B 322 8.16 38.79 14.12
CA GLU B 322 6.87 39.06 14.76
C GLU B 322 5.74 38.61 13.85
N SER B 323 5.84 38.91 12.56
CA SER B 323 4.84 38.43 11.62
C SER B 323 4.79 36.90 11.77
N SER B 324 5.95 36.25 11.81
CA SER B 324 6.02 34.82 12.14
C SER B 324 5.26 34.41 13.42
N LYS B 325 5.38 35.21 14.47
CA LYS B 325 4.68 34.93 15.71
C LYS B 325 3.18 35.06 15.54
N LYS B 326 2.79 36.09 14.79
CA LYS B 326 1.39 36.33 14.49
C LYS B 326 0.76 35.16 13.71
N TYR B 327 1.49 34.65 12.71
CA TYR B 327 1.00 33.55 11.87
C TYR B 327 0.82 32.27 12.69
N ALA B 328 1.79 32.03 13.58
CA ALA B 328 1.88 30.86 14.40
C ALA B 328 0.73 30.82 15.39
N GLU B 329 0.28 32.01 15.78
CA GLU B 329 -0.85 32.18 16.67
C GLU B 329 -2.13 31.72 16.00
N ALA B 330 -2.24 32.00 14.70
CA ALA B 330 -3.35 31.55 13.90
C ALA B 330 -3.34 30.02 13.74
N VAL B 331 -2.14 29.44 13.61
CA VAL B 331 -2.02 28.00 13.43
C VAL B 331 -2.41 27.20 14.68
N THR B 332 -2.12 27.74 15.87
CA THR B 332 -2.50 27.06 17.13
C THR B 332 -4.02 27.00 17.27
N ARG B 333 -4.71 27.95 16.65
CA ARG B 333 -6.16 28.04 16.74
C ARG B 333 -6.91 27.07 15.85
N ALA B 334 -6.35 26.82 14.67
CA ALA B 334 -7.01 26.07 13.58
C ALA B 334 -7.12 24.56 13.78
N LYS B 335 -8.25 23.98 13.37
CA LYS B 335 -8.40 22.51 13.31
C LYS B 335 -8.28 21.97 11.87
N GLN B 336 -8.36 22.88 10.90
CA GLN B 336 -8.11 22.58 9.50
C GLN B 336 -7.36 23.71 8.76
N ILE B 337 -6.25 23.36 8.11
CA ILE B 337 -5.41 24.36 7.43
C ILE B 337 -5.30 24.05 5.95
N VAL B 338 -5.55 25.06 5.12
CA VAL B 338 -5.27 24.93 3.69
C VAL B 338 -4.21 26.00 3.29
N TRP B 339 -3.09 25.56 2.71
CA TRP B 339 -1.99 26.50 2.42
C TRP B 339 -1.49 26.51 0.98
N ASN B 340 -1.62 27.66 0.30
CA ASN B 340 -1.13 27.77 -1.09
C ASN B 340 -0.36 29.08 -1.39
N GLY B 341 0.89 28.94 -1.81
CA GLY B 341 1.76 30.09 -2.06
C GLY B 341 2.62 30.36 -0.82
N PRO B 342 3.82 30.91 -1.03
CA PRO B 342 4.71 31.05 0.12
C PRO B 342 4.57 32.44 0.72
N VAL B 343 5.20 32.66 1.88
CA VAL B 343 5.08 33.94 2.55
C VAL B 343 6.28 34.90 2.31
N GLY B 344 7.11 34.54 1.32
CA GLY B 344 8.26 35.32 0.90
C GLY B 344 8.94 34.63 -0.28
N VAL B 345 9.99 35.27 -0.83
CA VAL B 345 10.79 34.74 -1.95
C VAL B 345 11.71 33.61 -1.44
N PHE B 346 11.13 32.41 -1.24
CA PHE B 346 11.84 31.31 -0.59
C PHE B 346 12.81 30.52 -1.48
N GLU B 347 12.84 30.82 -2.79
CA GLU B 347 13.86 30.27 -3.69
C GLU B 347 15.27 30.80 -3.33
N TRP B 348 15.32 31.79 -2.43
CA TRP B 348 16.60 32.38 -2.03
C TRP B 348 16.77 32.17 -0.54
N GLU B 349 17.99 31.95 -0.08
CA GLU B 349 18.20 31.50 1.29
C GLU B 349 17.96 32.63 2.31
N ALA B 350 18.38 33.84 1.94
CA ALA B 350 18.24 35.02 2.81
C ALA B 350 16.79 35.55 2.96
N PHE B 351 15.85 34.96 2.21
CA PHE B 351 14.46 35.37 2.30
C PHE B 351 13.51 34.17 2.42
N ALA B 352 14.04 33.07 2.94
CA ALA B 352 13.33 31.78 3.01
C ALA B 352 12.74 31.46 4.37
N ARG B 353 13.25 32.10 5.43
CA ARG B 353 12.97 31.72 6.83
C ARG B 353 11.52 31.90 7.25
N GLY B 354 10.90 32.96 6.73
CA GLY B 354 9.47 33.20 6.94
C GLY B 354 8.65 31.99 6.51
N THR B 355 9.02 31.41 5.37
CA THR B 355 8.37 30.22 4.87
C THR B 355 8.73 28.94 5.69
N LYS B 356 10.00 28.82 6.05
CA LYS B 356 10.44 27.66 6.84
C LYS B 356 9.83 27.66 8.25
N ALA B 357 9.84 28.81 8.91
CA ALA B 357 9.22 28.96 10.22
C ALA B 357 7.74 28.52 10.19
N LEU B 358 7.02 28.99 9.19
CA LEU B 358 5.62 28.62 9.03
C LEU B 358 5.42 27.12 8.78
N MET B 359 6.28 26.53 7.98
CA MET B 359 6.23 25.10 7.76
C MET B 359 6.40 24.31 9.06
N ASP B 360 7.37 24.68 9.92
CA ASP B 360 7.48 24.10 11.27
C ASP B 360 6.21 24.18 12.08
N GLU B 361 5.52 25.30 11.97
CA GLU B 361 4.26 25.48 12.68
C GLU B 361 3.15 24.59 12.15
N VAL B 362 3.20 24.31 10.87
CA VAL B 362 2.17 23.50 10.24
C VAL B 362 2.43 22.02 10.57
N VAL B 363 3.69 21.60 10.51
CA VAL B 363 4.04 20.25 10.97
C VAL B 363 3.58 20.03 12.43
N LYS B 364 3.92 20.99 13.29
CA LYS B 364 3.52 20.95 14.69
C LYS B 364 2.02 20.91 14.87
N ALA B 365 1.31 21.67 14.04
CA ALA B 365 -0.13 21.64 14.06
C ALA B 365 -0.52 20.21 13.76
N THR B 366 -0.10 19.71 12.60
CA THR B 366 -0.50 18.37 12.18
C THR B 366 -0.40 17.38 13.34
N SER B 367 0.69 17.51 14.12
CA SER B 367 1.06 16.58 15.19
C SER B 367 -0.01 16.41 16.28
N ARG B 368 -0.81 17.45 16.47
CA ARG B 368 -1.86 17.46 17.48
C ARG B 368 -3.25 17.23 16.86
N GLY B 369 -3.27 16.56 15.70
CA GLY B 369 -4.52 16.14 15.02
C GLY B 369 -5.19 17.15 14.10
N CYS B 370 -4.49 18.25 13.77
CA CYS B 370 -4.96 19.22 12.75
C CYS B 370 -4.83 18.61 11.36
N ILE B 371 -5.86 18.79 10.54
CA ILE B 371 -5.91 18.30 9.15
C ILE B 371 -5.26 19.34 8.22
N THR B 372 -4.04 19.06 7.76
CA THR B 372 -3.22 20.06 7.02
C THR B 372 -3.02 19.79 5.52
N ILE B 373 -3.42 20.72 4.67
CA ILE B 373 -3.27 20.55 3.22
C ILE B 373 -2.31 21.62 2.69
N ILE B 374 -1.29 21.20 1.96
CA ILE B 374 -0.33 22.16 1.44
C ILE B 374 -0.10 21.93 -0.04
N GLY B 375 0.39 22.97 -0.71
CA GLY B 375 0.85 22.88 -2.09
C GLY B 375 2.28 22.36 -2.11
N GLY B 376 2.75 21.86 -3.27
CA GLY B 376 1.96 21.89 -4.51
C GLY B 376 2.79 22.08 -5.78
N ASP B 390 4.60 12.93 4.78
CA ASP B 390 4.53 12.20 6.06
C ASP B 390 4.66 13.12 7.27
N LYS B 391 5.00 14.39 7.01
CA LYS B 391 5.00 15.45 8.04
C LYS B 391 3.66 16.20 8.09
N VAL B 392 2.94 16.21 6.97
CA VAL B 392 1.59 16.79 6.90
C VAL B 392 0.58 15.76 6.37
N SER B 393 -0.71 16.08 6.50
CA SER B 393 -1.80 15.15 6.14
C SER B 393 -1.73 14.90 4.64
N HIS B 394 -1.63 15.97 3.86
CA HIS B 394 -1.55 15.86 2.40
C HIS B 394 -0.65 16.96 1.76
N VAL B 395 0.36 16.51 1.01
CA VAL B 395 1.16 17.41 0.13
C VAL B 395 0.59 17.19 -1.27
N SER B 396 -0.09 18.20 -1.80
CA SER B 396 -0.73 18.10 -3.11
C SER B 396 0.29 18.32 -4.24
N THR B 397 0.07 17.65 -5.37
CA THR B 397 0.94 17.79 -6.57
C THR B 397 0.47 18.91 -7.48
N GLY B 398 -0.66 19.51 -7.13
CA GLY B 398 -1.37 20.46 -7.98
C GLY B 398 -0.72 21.81 -7.99
N GLY B 399 -0.99 22.59 -6.95
CA GLY B 399 -0.61 24.01 -6.99
C GLY B 399 -1.60 24.73 -7.88
N GLY B 400 -1.25 24.86 -9.17
CA GLY B 400 -2.08 25.54 -10.17
C GLY B 400 -3.51 25.03 -10.29
N ALA B 401 -3.68 23.70 -10.27
CA ALA B 401 -5.01 23.10 -10.32
C ALA B 401 -5.78 23.21 -9.00
N SER B 402 -5.07 23.22 -7.86
CA SER B 402 -5.68 23.51 -6.55
C SER B 402 -6.27 24.91 -6.55
N LEU B 403 -5.50 25.84 -7.10
CA LEU B 403 -5.83 27.27 -7.21
C LEU B 403 -7.19 27.41 -7.89
N GLU B 404 -7.43 26.58 -8.91
CA GLU B 404 -8.68 26.66 -9.66
C GLU B 404 -9.82 25.90 -9.00
N LEU B 405 -9.50 24.76 -8.39
CA LEU B 405 -10.45 24.03 -7.58
C LEU B 405 -11.01 24.89 -6.45
N LEU B 406 -10.13 25.65 -5.80
CA LEU B 406 -10.47 26.49 -4.65
C LEU B 406 -11.17 27.80 -5.04
N GLU B 407 -10.71 28.47 -6.10
CA GLU B 407 -11.48 29.54 -6.77
C GLU B 407 -12.93 29.10 -7.08
N GLY B 408 -13.22 27.81 -6.97
CA GLY B 408 -14.57 27.30 -7.25
C GLY B 408 -14.84 26.93 -8.70
N LYS B 409 -13.78 26.84 -9.50
CA LYS B 409 -13.88 26.55 -10.93
C LYS B 409 -14.03 25.05 -11.23
N VAL B 410 -14.34 24.72 -12.47
CA VAL B 410 -14.57 23.33 -12.86
C VAL B 410 -13.28 22.78 -13.47
N LEU B 411 -12.86 21.58 -13.06
CA LEU B 411 -11.66 20.98 -13.67
C LEU B 411 -12.06 20.08 -14.84
N PRO B 412 -11.76 20.54 -16.08
CA PRO B 412 -12.26 19.88 -17.32
C PRO B 412 -11.81 18.44 -17.46
N GLY B 413 -10.71 18.10 -16.78
CA GLY B 413 -10.15 16.76 -16.79
C GLY B 413 -10.83 15.77 -15.86
N VAL B 414 -11.41 16.25 -14.77
CA VAL B 414 -12.22 15.40 -13.88
C VAL B 414 -13.55 15.26 -14.57
N ASP B 415 -14.04 16.36 -15.11
CA ASP B 415 -15.40 16.41 -15.64
C ASP B 415 -15.54 15.46 -16.83
N ALA B 416 -14.45 15.35 -17.61
CA ALA B 416 -14.38 14.47 -18.77
C ALA B 416 -14.34 12.96 -18.44
N LEU B 417 -14.29 12.57 -17.16
CA LEU B 417 -14.28 11.14 -16.80
C LEU B 417 -15.68 10.56 -16.90
N SER B 418 -15.78 9.25 -17.14
CA SER B 418 -17.06 8.52 -17.12
C SER B 418 -17.74 8.60 -15.74
N ASN B 419 -19.07 8.59 -15.75
CA ASN B 419 -19.90 8.63 -14.53
C ASN B 419 -20.15 7.27 -13.88
N ILE B 420 -20.10 7.25 -12.54
CA ILE B 420 -20.62 6.22 -11.54
C ILE B 420 -19.64 5.31 -10.77
MG MG C . -5.59 -31.36 4.88
C1 3PG D . -3.50 -22.27 11.27
O1 3PG D . -3.84 -22.82 10.20
O2 3PG D . -2.65 -22.81 12.00
C2 3PG D . -4.12 -20.94 11.66
O3 3PG D . -3.67 -20.40 12.93
C3 3PG D . -5.63 -21.01 11.63
O1P 3PG D . -6.04 -21.99 12.57
P 3PG D . -7.36 -22.91 12.37
O2P 3PG D . -6.86 -23.84 11.31
O3P 3PG D . -8.52 -22.02 11.88
O4P 3PG D . -7.55 -23.53 13.73
O3B CDP E . -0.09 -30.52 7.19
PB CDP E . -0.50 -31.72 6.21
O1B CDP E . 0.60 -32.67 5.95
O2B CDP E . -1.05 -31.02 4.87
O3A CDP E . -1.79 -32.42 6.90
PA CDP E . -2.27 -33.86 6.39
O1A CDP E . -2.30 -33.99 4.91
O2A CDP E . -3.72 -34.10 7.05
O5' CDP E . -1.29 -34.94 7.10
C5' CDP E . -0.42 -34.51 8.14
C4' CDP E . 0.96 -35.16 7.98
O4' CDP E . 0.83 -36.43 7.33
C3' CDP E . 1.52 -35.52 9.36
O3' CDP E . 2.45 -34.52 9.78
C2' CDP E . 2.25 -36.85 9.13
O2' CDP E . 3.64 -36.67 9.40
C1' CDP E . 2.05 -37.12 7.64
N1 CDP E . 1.87 -38.57 7.43
C2 CDP E . 2.57 -39.23 6.41
O2 CDP E . 3.34 -38.60 5.69
N3 CDP E . 2.39 -40.60 6.22
C4 CDP E . 1.50 -41.32 7.04
N4 CDP E . 1.33 -42.62 6.85
C5 CDP E . 0.80 -40.66 8.05
C6 CDP E . 0.98 -39.29 8.25
C1 3PG F . 1.63 22.67 -13.31
O1 3PG F . 0.98 23.63 -12.81
O2 3PG F . 2.86 22.49 -13.15
C2 3PG F . 0.93 21.67 -14.18
O3 3PG F . 1.88 20.62 -14.48
C3 3PG F . 0.35 22.34 -15.43
O1P 3PG F . 1.39 22.96 -16.20
P 3PG F . 1.16 24.21 -17.22
O2P 3PG F . 1.01 25.42 -16.30
O3P 3PG F . -0.09 23.80 -17.97
O4P 3PG F . 2.40 24.27 -18.08
#